data_8AHF
#
_entry.id   8AHF
#
_cell.length_a   109.315
_cell.length_b   109.315
_cell.length_c   135.866
_cell.angle_alpha   90.000
_cell.angle_beta   90.000
_cell.angle_gamma   90.000
#
_symmetry.space_group_name_H-M   'P 41 21 2'
#
loop_
_entity.id
_entity.type
_entity.pdbx_description
1 polymer 'UDP-N-acetylglucosamine 2-epimerase'
2 non-polymer (2~{R},4~{S})-4-[bis(fluoranyl)methoxy]-~{N}-methyl-1-(2~{H}-pyrazolo[4,3-b]pyridin-6-ylcarbonyl)pyrrolidine-2-carboxamide
3 non-polymer 'SULFATE ION'
4 water water
#
_entity_poly.entity_id   1
_entity_poly.type   'polypeptide(L)'
_entity_poly.pdbx_seq_one_letter_code
;SPMAMTERLKVMTIFGTRPEAIKMAPLVLELQKHPEKIESIVTVTAQHRQMLDQVLSIFGITPDFDLNIMKDRQTLIDIT
TRGLEGLDKVMKEAKPDIVLVHGDTTTTFIASLAAFYNQIPVGHVEAGLRTWDKYSPYPEEMNRQLTGVMADLHFSPTAK
SATNLQKENKDESRIFITGNTAIDALKTTVKETYSHPVLEKLGNNRLVLMTAHRRENLGEPMRNMFRAIKRLVDKHEDVQ
VVYPVHMNPVVRETANDILGDYGRIHLIEPLDVIDFHNVAARSYLMLTDSGGVQEEAPSLGVPVLVLRDTTERPEGIEAG
TLKLAGTDEETIFSLADELLSDKEAHDKMSKASNPYGDGRASERIVEAILKHFNK
;
_entity_poly.pdbx_strand_id   A,B
#
loop_
_chem_comp.id
_chem_comp.type
_chem_comp.name
_chem_comp.formula
M3U non-polymer (2~{R},4~{S})-4-[bis(fluoranyl)methoxy]-~{N}-methyl-1-(2~{H}-pyrazolo[4,3-b]pyridin-6-ylcarbonyl)pyrrolidine-2-carboxamide 'C14 H15 F2 N5 O3'
SO4 non-polymer 'SULFATE ION' 'O4 S -2'
#
# COMPACT_ATOMS: atom_id res chain seq x y z
N GLU A 7 4.06 -47.07 -18.47
CA GLU A 7 4.71 -45.75 -18.76
C GLU A 7 4.07 -44.70 -17.84
N ARG A 8 4.93 -43.93 -17.13
CA ARG A 8 4.51 -43.19 -15.93
C ARG A 8 3.93 -41.84 -16.34
N LEU A 9 2.91 -41.40 -15.58
CA LEU A 9 2.42 -40.04 -15.72
C LEU A 9 3.54 -39.10 -15.27
N LYS A 10 3.96 -38.21 -16.20
CA LYS A 10 4.99 -37.21 -15.96
C LYS A 10 4.34 -35.93 -15.38
N VAL A 11 4.57 -35.67 -14.09
CA VAL A 11 3.94 -34.59 -13.32
C VAL A 11 5.00 -33.58 -12.93
N MET A 12 4.90 -32.35 -13.46
CA MET A 12 5.86 -31.28 -13.15
C MET A 12 5.23 -30.30 -12.19
N THR A 13 5.83 -30.18 -11.02
CA THR A 13 5.42 -29.26 -9.99
C THR A 13 6.30 -28.03 -10.10
N ILE A 14 5.70 -26.81 -10.18
CA ILE A 14 6.48 -25.58 -10.16
C ILE A 14 6.45 -24.91 -8.76
N PHE A 15 7.67 -24.55 -8.30
CA PHE A 15 7.97 -23.80 -7.10
C PHE A 15 8.55 -22.46 -7.53
N GLY A 16 7.73 -21.42 -7.58
CA GLY A 16 8.15 -20.17 -8.19
C GLY A 16 8.67 -19.15 -7.17
N THR A 17 8.55 -19.47 -5.87
CA THR A 17 8.81 -18.50 -4.81
C THR A 17 8.93 -19.24 -3.48
N ARG A 18 9.48 -18.60 -2.44
CA ARG A 18 9.90 -19.29 -1.22
C ARG A 18 8.66 -19.73 -0.44
N PRO A 19 7.62 -18.89 -0.30
CA PRO A 19 6.43 -19.29 0.43
C PRO A 19 5.76 -20.51 -0.20
N GLU A 20 5.87 -20.67 -1.54
CA GLU A 20 5.27 -21.79 -2.25
C GLU A 20 5.92 -23.10 -1.85
N ALA A 21 7.19 -23.05 -1.45
CA ALA A 21 7.94 -24.22 -0.95
C ALA A 21 7.09 -25.02 0.03
N ILE A 22 6.59 -24.34 1.07
CA ILE A 22 5.83 -24.99 2.13
C ILE A 22 4.49 -25.52 1.59
N LYS A 23 3.87 -24.83 0.63
CA LYS A 23 2.56 -25.20 0.13
C LYS A 23 2.62 -26.33 -0.91
N MET A 24 3.80 -26.53 -1.57
CA MET A 24 3.94 -27.46 -2.67
C MET A 24 4.84 -28.65 -2.31
N ALA A 25 5.77 -28.52 -1.36
CA ALA A 25 6.60 -29.63 -0.90
C ALA A 25 5.75 -30.83 -0.48
N PRO A 26 4.64 -30.69 0.28
CA PRO A 26 3.86 -31.84 0.70
C PRO A 26 3.19 -32.60 -0.43
N LEU A 27 2.80 -31.84 -1.47
CA LEU A 27 2.22 -32.37 -2.69
C LEU A 27 3.24 -33.25 -3.43
N VAL A 28 4.49 -32.78 -3.51
CA VAL A 28 5.58 -33.52 -4.12
C VAL A 28 5.84 -34.80 -3.33
N LEU A 29 5.93 -34.72 -2.00
CA LEU A 29 6.04 -35.92 -1.16
C LEU A 29 4.98 -36.94 -1.49
N GLU A 30 3.74 -36.46 -1.65
CA GLU A 30 2.60 -37.30 -1.98
C GLU A 30 2.77 -37.91 -3.37
N LEU A 31 3.30 -37.14 -4.34
CA LEU A 31 3.51 -37.63 -5.71
C LEU A 31 4.58 -38.73 -5.66
N GLN A 32 5.64 -38.55 -4.86
CA GLN A 32 6.77 -39.47 -4.75
C GLN A 32 6.39 -40.81 -4.09
N LYS A 33 5.22 -40.90 -3.45
CA LYS A 33 4.68 -42.15 -2.89
C LYS A 33 4.01 -43.05 -3.95
N HIS A 34 3.98 -42.64 -5.24
CA HIS A 34 3.40 -43.45 -6.33
C HIS A 34 4.41 -43.62 -7.45
N PRO A 35 5.60 -44.22 -7.21
CA PRO A 35 6.68 -44.24 -8.23
C PRO A 35 6.42 -45.16 -9.43
N GLU A 36 5.49 -46.12 -9.29
CA GLU A 36 5.09 -47.07 -10.31
C GLU A 36 4.24 -46.32 -11.36
N LYS A 37 3.33 -45.43 -10.89
CA LYS A 37 2.38 -44.74 -11.74
C LYS A 37 2.82 -43.32 -12.13
N ILE A 38 3.70 -42.67 -11.31
CA ILE A 38 4.02 -41.24 -11.47
C ILE A 38 5.51 -40.97 -11.48
N GLU A 39 5.97 -40.18 -12.46
CA GLU A 39 7.31 -39.57 -12.46
C GLU A 39 7.18 -38.12 -12.01
N SER A 40 7.60 -37.81 -10.75
CA SER A 40 7.58 -36.47 -10.16
C SER A 40 8.75 -35.65 -10.66
N ILE A 41 8.49 -34.58 -11.43
CA ILE A 41 9.50 -33.62 -11.83
C ILE A 41 9.26 -32.30 -11.10
N VAL A 42 10.31 -31.79 -10.44
CA VAL A 42 10.23 -30.57 -9.63
C VAL A 42 11.03 -29.49 -10.35
N THR A 43 10.37 -28.41 -10.69
CA THR A 43 10.97 -27.28 -11.37
C THR A 43 10.90 -26.10 -10.40
N VAL A 44 12.08 -25.51 -10.08
CA VAL A 44 12.19 -24.39 -9.17
C VAL A 44 12.55 -23.17 -10.04
N THR A 45 11.86 -22.04 -9.86
CA THR A 45 12.06 -20.82 -10.64
C THR A 45 12.36 -19.57 -9.78
N ALA A 46 12.44 -19.76 -8.46
CA ALA A 46 12.63 -18.67 -7.52
C ALA A 46 14.04 -18.12 -7.70
N GLN A 47 14.20 -16.82 -7.44
CA GLN A 47 15.49 -16.16 -7.34
C GLN A 47 16.21 -16.49 -6.02
N HIS A 48 15.49 -16.40 -4.88
CA HIS A 48 16.03 -16.62 -3.53
C HIS A 48 15.71 -18.06 -3.09
N ARG A 49 16.75 -18.92 -2.98
CA ARG A 49 16.56 -20.35 -2.81
C ARG A 49 17.05 -20.89 -1.45
N GLN A 50 17.77 -20.10 -0.63
CA GLN A 50 18.43 -20.60 0.58
C GLN A 50 17.41 -21.35 1.46
N MET A 51 16.32 -20.66 1.85
CA MET A 51 15.25 -21.23 2.66
C MET A 51 14.47 -22.26 1.85
N LEU A 52 14.18 -21.91 0.58
CA LEU A 52 13.49 -22.83 -0.32
C LEU A 52 14.24 -24.19 -0.29
N ASP A 53 15.57 -24.14 -0.40
CA ASP A 53 16.42 -25.33 -0.33
C ASP A 53 16.38 -25.93 1.08
N GLN A 54 16.30 -25.09 2.13
CA GLN A 54 16.14 -25.55 3.51
C GLN A 54 14.89 -26.43 3.62
N VAL A 55 13.74 -25.90 3.16
CA VAL A 55 12.45 -26.61 3.18
C VAL A 55 12.50 -27.86 2.28
N LEU A 56 13.11 -27.72 1.10
CA LEU A 56 13.26 -28.84 0.19
C LEU A 56 14.01 -29.98 0.89
N SER A 57 15.10 -29.62 1.59
CA SER A 57 15.94 -30.57 2.32
C SER A 57 15.10 -31.35 3.35
N ILE A 58 14.29 -30.66 4.19
CA ILE A 58 13.52 -31.31 5.23
C ILE A 58 12.50 -32.29 4.63
N PHE A 59 11.94 -31.91 3.49
CA PHE A 59 10.97 -32.73 2.75
C PHE A 59 11.60 -33.88 1.93
N GLY A 60 12.95 -33.89 1.77
CA GLY A 60 13.62 -34.94 1.00
C GLY A 60 13.33 -34.80 -0.50
N ILE A 61 13.38 -33.54 -0.99
CA ILE A 61 13.09 -33.18 -2.36
C ILE A 61 14.34 -32.55 -2.99
N THR A 62 14.74 -33.13 -4.14
CA THR A 62 15.77 -32.62 -5.03
C THR A 62 15.10 -32.10 -6.30
N PRO A 63 15.20 -30.77 -6.60
CA PRO A 63 14.69 -30.23 -7.87
C PRO A 63 15.35 -30.98 -9.03
N ASP A 64 14.58 -31.20 -10.09
CA ASP A 64 15.04 -31.68 -11.36
C ASP A 64 15.43 -30.51 -12.28
N PHE A 65 14.67 -29.38 -12.25
CA PHE A 65 14.95 -28.18 -13.03
C PHE A 65 15.00 -26.93 -12.14
N ASP A 66 15.92 -26.05 -12.49
CA ASP A 66 16.23 -24.81 -11.81
C ASP A 66 16.32 -23.74 -12.88
N LEU A 67 15.37 -22.79 -12.91
CA LEU A 67 15.46 -21.56 -13.71
C LEU A 67 15.64 -20.40 -12.72
N ASN A 68 16.37 -19.36 -13.13
CA ASN A 68 16.49 -18.13 -12.33
C ASN A 68 15.65 -17.07 -13.04
N ILE A 69 14.35 -16.98 -12.70
CA ILE A 69 13.46 -15.87 -13.05
C ILE A 69 13.70 -14.74 -12.03
N MET A 70 14.48 -13.72 -12.45
CA MET A 70 14.90 -12.62 -11.59
C MET A 70 13.71 -11.68 -11.33
N LYS A 71 13.46 -11.35 -10.04
CA LYS A 71 12.32 -10.52 -9.60
C LYS A 71 12.78 -9.14 -9.12
N ASP A 72 13.89 -9.11 -8.36
CA ASP A 72 14.34 -7.93 -7.61
C ASP A 72 14.65 -6.79 -8.58
N ARG A 73 13.84 -5.73 -8.50
CA ARG A 73 13.93 -4.52 -9.33
C ARG A 73 13.60 -4.80 -10.78
N GLN A 74 12.90 -5.93 -11.06
CA GLN A 74 12.47 -6.27 -12.40
C GLN A 74 11.00 -5.86 -12.58
N THR A 75 10.64 -5.48 -13.82
CA THR A 75 9.31 -5.04 -14.22
C THR A 75 8.39 -6.26 -14.45
N LEU A 76 7.06 -6.05 -14.39
CA LEU A 76 6.08 -7.08 -14.74
C LEU A 76 6.33 -7.61 -16.15
N ILE A 77 6.64 -6.71 -17.10
CA ILE A 77 6.88 -7.11 -18.49
C ILE A 77 8.10 -8.03 -18.53
N ASP A 78 9.22 -7.64 -17.88
CA ASP A 78 10.46 -8.39 -17.98
C ASP A 78 10.20 -9.79 -17.41
N ILE A 79 9.59 -9.87 -16.22
CA ILE A 79 9.36 -11.16 -15.56
C ILE A 79 8.44 -12.01 -16.42
N THR A 80 7.47 -11.38 -17.11
CA THR A 80 6.45 -12.03 -17.91
C THR A 80 7.06 -12.68 -19.15
N THR A 81 7.87 -11.92 -19.92
CA THR A 81 8.53 -12.45 -21.09
C THR A 81 9.64 -13.48 -20.76
N ARG A 82 10.50 -13.21 -19.79
CA ARG A 82 11.60 -14.13 -19.57
C ARG A 82 11.03 -15.43 -19.07
N GLY A 83 10.15 -15.30 -18.07
CA GLY A 83 9.46 -16.44 -17.47
C GLY A 83 8.84 -17.31 -18.53
N LEU A 84 8.11 -16.69 -19.46
CA LEU A 84 7.32 -17.43 -20.45
C LEU A 84 8.25 -18.20 -21.38
N GLU A 85 9.35 -17.54 -21.83
CA GLU A 85 10.40 -18.18 -22.62
C GLU A 85 11.02 -19.39 -21.91
N GLY A 86 11.38 -19.23 -20.64
CA GLY A 86 12.14 -20.22 -19.88
C GLY A 86 11.26 -21.39 -19.46
N LEU A 87 9.99 -21.08 -19.13
CA LEU A 87 9.01 -22.11 -18.80
C LEU A 87 8.61 -22.89 -20.05
N ASP A 88 8.45 -22.22 -21.19
CA ASP A 88 8.18 -22.93 -22.44
C ASP A 88 9.34 -23.91 -22.75
N LYS A 89 10.58 -23.43 -22.64
CA LYS A 89 11.75 -24.22 -22.97
C LYS A 89 11.81 -25.48 -22.09
N VAL A 90 11.61 -25.35 -20.77
CA VAL A 90 11.66 -26.48 -19.83
C VAL A 90 10.52 -27.48 -20.06
N MET A 91 9.34 -27.01 -20.52
CA MET A 91 8.21 -27.87 -20.84
C MET A 91 8.45 -28.60 -22.16
N LYS A 92 9.09 -27.99 -23.17
CA LYS A 92 9.50 -28.75 -24.35
C LYS A 92 10.60 -29.76 -23.98
N GLU A 93 11.44 -29.45 -23.00
CA GLU A 93 12.57 -30.28 -22.61
C GLU A 93 12.15 -31.54 -21.82
N ALA A 94 11.20 -31.41 -20.87
CA ALA A 94 10.70 -32.47 -20.02
C ALA A 94 9.45 -33.15 -20.56
N LYS A 95 8.70 -32.49 -21.46
CA LYS A 95 7.39 -32.95 -21.96
C LYS A 95 6.53 -33.62 -20.86
N PRO A 96 6.11 -32.86 -19.81
CA PRO A 96 5.26 -33.39 -18.77
C PRO A 96 3.81 -33.50 -19.25
N ASP A 97 3.09 -34.46 -18.67
CA ASP A 97 1.70 -34.74 -18.97
C ASP A 97 0.81 -33.72 -18.26
N ILE A 98 1.31 -33.15 -17.15
CA ILE A 98 0.60 -32.09 -16.44
C ILE A 98 1.61 -31.21 -15.67
N VAL A 99 1.25 -29.93 -15.54
CA VAL A 99 2.00 -28.96 -14.78
C VAL A 99 1.14 -28.54 -13.59
N LEU A 100 1.70 -28.60 -12.37
CA LEU A 100 1.05 -28.11 -11.15
C LEU A 100 1.64 -26.77 -10.75
N VAL A 101 0.75 -25.78 -10.59
CA VAL A 101 1.13 -24.39 -10.32
C VAL A 101 0.30 -23.93 -9.13
N HIS A 102 0.92 -23.11 -8.24
CA HIS A 102 0.27 -22.64 -7.02
C HIS A 102 -0.18 -21.20 -7.15
N GLY A 103 -1.44 -20.90 -6.87
CA GLY A 103 -1.79 -19.59 -6.34
C GLY A 103 -1.84 -18.49 -7.39
N ASP A 104 -1.34 -17.30 -7.02
CA ASP A 104 -1.67 -16.09 -7.77
C ASP A 104 -0.46 -15.31 -8.18
N THR A 105 0.70 -15.97 -8.25
CA THR A 105 1.92 -15.32 -8.71
C THR A 105 1.90 -15.06 -10.21
N THR A 106 2.71 -14.09 -10.67
CA THR A 106 2.87 -13.90 -12.10
C THR A 106 3.45 -15.17 -12.72
N THR A 107 4.32 -15.90 -11.99
CA THR A 107 4.96 -17.13 -12.45
C THR A 107 3.92 -18.23 -12.70
N THR A 108 2.96 -18.38 -11.78
CA THR A 108 1.84 -19.28 -11.97
C THR A 108 1.11 -18.94 -13.28
N PHE A 109 0.82 -17.66 -13.50
CA PHE A 109 0.12 -17.23 -14.70
C PHE A 109 0.89 -17.63 -15.96
N ILE A 110 2.16 -17.27 -16.07
CA ILE A 110 2.91 -17.53 -17.28
C ILE A 110 3.23 -19.01 -17.39
N ALA A 111 3.41 -19.73 -16.27
CA ALA A 111 3.59 -21.18 -16.36
C ALA A 111 2.37 -21.81 -17.02
N SER A 112 1.21 -21.29 -16.64
CA SER A 112 -0.06 -21.75 -17.17
C SER A 112 -0.21 -21.42 -18.66
N LEU A 113 0.25 -20.23 -19.08
CA LEU A 113 0.30 -19.85 -20.49
C LEU A 113 1.25 -20.74 -21.29
N ALA A 114 2.47 -20.96 -20.80
CA ALA A 114 3.45 -21.85 -21.45
C ALA A 114 2.87 -23.28 -21.62
N ALA A 115 2.21 -23.80 -20.58
CA ALA A 115 1.57 -25.11 -20.68
C ALA A 115 0.49 -25.10 -21.77
N PHE A 116 -0.35 -24.06 -21.77
CA PHE A 116 -1.41 -23.90 -22.79
C PHE A 116 -0.83 -23.81 -24.21
N TYR A 117 0.28 -23.10 -24.36
CA TYR A 117 0.97 -23.02 -25.65
C TYR A 117 1.65 -24.34 -26.06
N ASN A 118 1.72 -25.35 -25.19
CA ASN A 118 2.19 -26.68 -25.54
C ASN A 118 1.07 -27.72 -25.35
N GLN A 119 -0.18 -27.29 -25.17
CA GLN A 119 -1.29 -28.20 -24.93
C GLN A 119 -1.00 -29.15 -23.76
N ILE A 120 -0.43 -28.61 -22.68
CA ILE A 120 -0.15 -29.41 -21.49
C ILE A 120 -1.15 -29.01 -20.42
N PRO A 121 -1.93 -29.97 -19.89
CA PRO A 121 -2.87 -29.70 -18.82
C PRO A 121 -2.25 -29.01 -17.62
N VAL A 122 -3.04 -28.13 -16.96
CA VAL A 122 -2.64 -27.42 -15.74
C VAL A 122 -3.54 -27.83 -14.57
N GLY A 123 -2.89 -28.22 -13.46
CA GLY A 123 -3.51 -28.39 -12.15
C GLY A 123 -3.16 -27.19 -11.28
N HIS A 124 -4.21 -26.41 -10.91
CA HIS A 124 -4.08 -25.16 -10.19
C HIS A 124 -4.30 -25.41 -8.69
N VAL A 125 -3.21 -25.34 -7.93
CA VAL A 125 -3.26 -25.56 -6.49
C VAL A 125 -3.61 -24.21 -5.84
N GLU A 126 -4.55 -24.21 -4.93
CA GLU A 126 -5.15 -23.06 -4.29
C GLU A 126 -5.79 -22.17 -5.34
N ALA A 127 -6.98 -22.62 -5.78
CA ALA A 127 -7.76 -21.99 -6.82
C ALA A 127 -9.08 -21.45 -6.25
N GLY A 128 -9.49 -20.26 -6.71
CA GLY A 128 -10.85 -19.80 -6.62
C GLY A 128 -11.02 -18.53 -5.79
N LEU A 129 -9.94 -18.05 -5.19
CA LEU A 129 -9.95 -16.85 -4.34
C LEU A 129 -10.27 -15.67 -5.23
N ARG A 130 -11.27 -14.86 -4.86
CA ARG A 130 -11.69 -13.69 -5.63
C ARG A 130 -11.89 -12.48 -4.71
N THR A 131 -11.33 -11.33 -5.11
CA THR A 131 -11.76 -10.02 -4.59
C THR A 131 -12.62 -9.31 -5.62
N TRP A 132 -12.53 -9.74 -6.91
CA TRP A 132 -13.15 -9.11 -8.08
C TRP A 132 -12.73 -7.64 -8.31
N ASP A 133 -11.64 -7.20 -7.64
CA ASP A 133 -10.98 -5.91 -7.85
C ASP A 133 -9.62 -6.22 -8.50
N LYS A 134 -9.51 -5.88 -9.79
CA LYS A 134 -8.37 -6.28 -10.61
C LYS A 134 -7.12 -5.49 -10.22
N TYR A 135 -7.30 -4.41 -9.42
CA TYR A 135 -6.19 -3.57 -8.95
C TYR A 135 -5.98 -3.67 -7.45
N SER A 136 -6.68 -4.61 -6.79
CA SER A 136 -6.41 -4.93 -5.38
C SER A 136 -6.82 -6.38 -5.09
N PRO A 137 -5.88 -7.32 -4.88
CA PRO A 137 -4.44 -7.08 -5.06
C PRO A 137 -4.00 -7.10 -6.52
N TYR A 138 -2.95 -6.30 -6.83
CA TYR A 138 -2.35 -6.16 -8.15
C TYR A 138 -0.91 -6.66 -8.13
N PRO A 139 -0.51 -7.65 -8.97
CA PRO A 139 -1.37 -8.20 -10.04
C PRO A 139 -2.07 -9.54 -9.74
N GLU A 140 -2.27 -9.85 -8.45
CA GLU A 140 -2.57 -11.21 -7.97
C GLU A 140 -3.99 -11.61 -8.35
N GLU A 141 -4.97 -10.70 -8.23
CA GLU A 141 -6.34 -11.00 -8.52
C GLU A 141 -6.47 -11.44 -9.98
N MET A 142 -5.92 -10.65 -10.91
CA MET A 142 -6.00 -10.95 -12.33
C MET A 142 -5.23 -12.26 -12.66
N ASN A 143 -4.03 -12.46 -12.07
CA ASN A 143 -3.20 -13.64 -12.27
C ASN A 143 -4.02 -14.88 -11.94
N ARG A 144 -4.84 -14.84 -10.89
CA ARG A 144 -5.52 -16.08 -10.48
C ARG A 144 -6.77 -16.31 -11.34
N GLN A 145 -7.39 -15.20 -11.81
CA GLN A 145 -8.45 -15.25 -12.80
C GLN A 145 -7.92 -15.78 -14.15
N LEU A 146 -6.73 -15.31 -14.59
CA LEU A 146 -6.09 -15.74 -15.84
C LEU A 146 -5.66 -17.20 -15.76
N THR A 147 -4.94 -17.55 -14.72
CA THR A 147 -4.63 -18.96 -14.42
C THR A 147 -5.91 -19.80 -14.42
N GLY A 148 -7.00 -19.29 -13.85
CA GLY A 148 -8.28 -19.99 -13.76
C GLY A 148 -8.89 -20.40 -15.10
N VAL A 149 -8.80 -19.57 -16.15
CA VAL A 149 -9.44 -19.88 -17.44
C VAL A 149 -8.64 -20.98 -18.15
N MET A 150 -7.34 -21.04 -17.84
CA MET A 150 -6.39 -21.97 -18.43
C MET A 150 -6.27 -23.28 -17.65
N ALA A 151 -6.78 -23.37 -16.41
CA ALA A 151 -6.61 -24.59 -15.64
C ALA A 151 -7.62 -25.66 -16.07
N ASP A 152 -7.15 -26.92 -16.04
CA ASP A 152 -7.92 -28.09 -16.34
C ASP A 152 -8.46 -28.71 -15.05
N LEU A 153 -7.68 -28.65 -13.94
CA LEU A 153 -8.11 -29.10 -12.62
C LEU A 153 -7.90 -27.99 -11.60
N HIS A 154 -8.89 -27.80 -10.69
CA HIS A 154 -8.89 -26.72 -9.67
C HIS A 154 -8.98 -27.34 -8.28
N PHE A 155 -7.98 -27.08 -7.44
CA PHE A 155 -7.89 -27.57 -6.06
C PHE A 155 -8.09 -26.38 -5.13
N SER A 156 -9.37 -26.17 -4.73
CA SER A 156 -9.79 -25.07 -3.88
C SER A 156 -9.58 -25.44 -2.41
N PRO A 157 -9.08 -24.51 -1.57
CA PRO A 157 -8.93 -24.80 -0.16
C PRO A 157 -10.30 -25.03 0.50
N THR A 158 -11.37 -24.37 0.02
CA THR A 158 -12.63 -24.25 0.73
C THR A 158 -13.80 -24.23 -0.24
N ALA A 159 -14.99 -24.45 0.31
CA ALA A 159 -16.24 -24.41 -0.42
C ALA A 159 -16.42 -23.03 -1.05
N LYS A 160 -16.02 -21.99 -0.32
CA LYS A 160 -16.18 -20.61 -0.77
C LYS A 160 -15.46 -20.42 -2.11
N SER A 161 -14.17 -20.83 -2.19
CA SER A 161 -13.36 -20.68 -3.40
C SER A 161 -13.88 -21.60 -4.52
N ALA A 162 -14.33 -22.81 -4.16
CA ALA A 162 -14.90 -23.77 -5.11
C ALA A 162 -16.14 -23.21 -5.74
N THR A 163 -16.97 -22.51 -4.93
CA THR A 163 -18.21 -21.88 -5.37
C THR A 163 -17.95 -20.74 -6.37
N ASN A 164 -16.94 -19.90 -6.11
CA ASN A 164 -16.49 -18.84 -7.04
C ASN A 164 -16.22 -19.36 -8.46
N LEU A 165 -15.62 -20.57 -8.56
CA LEU A 165 -15.30 -21.20 -9.84
C LEU A 165 -16.55 -21.76 -10.50
N GLN A 166 -17.41 -22.42 -9.68
CA GLN A 166 -18.69 -22.93 -10.17
C GLN A 166 -19.42 -21.77 -10.84
N LYS A 167 -19.47 -20.58 -10.18
CA LYS A 167 -20.24 -19.44 -10.66
C LYS A 167 -19.64 -18.80 -11.94
N GLU A 168 -18.34 -19.05 -12.18
CA GLU A 168 -17.63 -18.68 -13.41
C GLU A 168 -17.81 -19.73 -14.52
N ASN A 169 -18.64 -20.75 -14.27
CA ASN A 169 -19.06 -21.69 -15.28
C ASN A 169 -17.93 -22.65 -15.62
N LYS A 170 -17.08 -22.92 -14.63
CA LYS A 170 -16.07 -23.95 -14.74
C LYS A 170 -16.78 -25.30 -14.61
N ASP A 171 -16.18 -26.35 -15.21
CA ASP A 171 -16.65 -27.72 -15.15
C ASP A 171 -16.59 -28.16 -13.68
N GLU A 172 -17.75 -28.39 -13.06
CA GLU A 172 -17.90 -28.86 -11.68
C GLU A 172 -17.13 -30.15 -11.44
N SER A 173 -16.92 -30.97 -12.49
CA SER A 173 -16.19 -32.23 -12.37
C SER A 173 -14.68 -32.00 -12.24
N ARG A 174 -14.20 -30.76 -12.54
CA ARG A 174 -12.79 -30.38 -12.45
C ARG A 174 -12.50 -29.52 -11.20
N ILE A 175 -13.52 -29.28 -10.35
CA ILE A 175 -13.40 -28.48 -9.14
C ILE A 175 -13.44 -29.40 -7.92
N PHE A 176 -12.34 -29.37 -7.14
CA PHE A 176 -12.12 -30.21 -5.97
C PHE A 176 -11.88 -29.33 -4.73
N ILE A 177 -12.58 -29.59 -3.63
CA ILE A 177 -12.34 -28.98 -2.32
C ILE A 177 -11.35 -29.86 -1.59
N THR A 178 -10.08 -29.43 -1.53
CA THR A 178 -9.01 -30.31 -1.13
C THR A 178 -8.55 -29.95 0.28
N GLY A 179 -8.86 -28.73 0.72
CA GLY A 179 -8.14 -28.11 1.83
C GLY A 179 -6.79 -27.50 1.38
N ASN A 180 -6.18 -26.80 2.37
CA ASN A 180 -4.95 -26.01 2.29
C ASN A 180 -3.72 -26.91 2.52
N THR A 181 -2.87 -27.04 1.49
CA THR A 181 -1.73 -27.96 1.53
C THR A 181 -0.66 -27.52 2.54
N ALA A 182 -0.67 -26.24 2.95
CA ALA A 182 0.18 -25.79 4.04
C ALA A 182 -0.06 -26.63 5.30
N ILE A 183 -1.33 -26.99 5.60
CA ILE A 183 -1.62 -27.80 6.80
C ILE A 183 -0.88 -29.12 6.72
N ASP A 184 -0.89 -29.71 5.51
CA ASP A 184 -0.17 -30.94 5.18
C ASP A 184 1.28 -30.85 5.60
N ALA A 185 1.93 -29.69 5.40
CA ALA A 185 3.35 -29.46 5.71
C ALA A 185 3.68 -29.67 7.20
N LEU A 186 2.74 -29.36 8.10
CA LEU A 186 3.01 -29.34 9.55
C LEU A 186 3.36 -30.72 10.08
N LYS A 187 2.81 -31.80 9.49
CA LYS A 187 3.13 -33.19 9.83
C LYS A 187 4.63 -33.45 9.70
N THR A 188 5.31 -32.68 8.82
CA THR A 188 6.72 -32.85 8.50
C THR A 188 7.58 -31.82 9.24
N THR A 189 7.17 -30.54 9.26
CA THR A 189 8.01 -29.44 9.74
C THR A 189 8.05 -29.33 11.28
N VAL A 190 6.99 -29.80 11.97
CA VAL A 190 6.88 -29.65 13.42
C VAL A 190 7.49 -30.90 14.05
N LYS A 191 8.61 -30.69 14.79
CA LYS A 191 9.40 -31.74 15.40
C LYS A 191 8.95 -31.94 16.86
N GLU A 192 8.94 -33.21 17.33
CA GLU A 192 8.58 -33.51 18.70
C GLU A 192 9.48 -32.69 19.64
N THR A 193 10.78 -32.59 19.34
CA THR A 193 11.73 -31.77 20.09
C THR A 193 12.42 -30.79 19.13
N TYR A 194 12.63 -29.56 19.63
CA TYR A 194 13.08 -28.39 18.89
C TYR A 194 13.70 -27.43 19.89
N SER A 195 14.81 -26.77 19.48
CA SER A 195 15.44 -25.72 20.27
C SER A 195 15.49 -24.42 19.46
N HIS A 196 15.20 -23.30 20.14
CA HIS A 196 15.23 -21.94 19.60
C HIS A 196 15.37 -20.96 20.77
N PRO A 197 16.14 -19.86 20.67
CA PRO A 197 16.21 -18.87 21.75
C PRO A 197 14.88 -18.52 22.44
N VAL A 198 13.83 -18.29 21.65
CA VAL A 198 12.49 -17.99 22.13
C VAL A 198 12.06 -19.00 23.19
N LEU A 199 12.22 -20.30 22.90
CA LEU A 199 11.73 -21.41 23.71
C LEU A 199 12.64 -21.64 24.95
N GLU A 200 13.96 -21.40 24.80
CA GLU A 200 14.92 -21.39 25.91
C GLU A 200 14.54 -20.32 26.95
N LYS A 201 14.27 -19.09 26.48
CA LYS A 201 13.85 -17.95 27.28
C LYS A 201 12.42 -18.12 27.81
N LEU A 202 11.58 -18.92 27.12
CA LEU A 202 10.19 -19.16 27.49
C LEU A 202 10.10 -20.06 28.72
N GLY A 203 10.93 -21.11 28.80
CA GLY A 203 10.79 -22.09 29.85
C GLY A 203 9.36 -22.64 29.90
N ASN A 204 8.78 -22.68 31.10
CA ASN A 204 7.42 -23.18 31.36
C ASN A 204 6.37 -22.05 31.34
N ASN A 205 6.76 -20.82 30.94
CA ASN A 205 5.82 -19.72 30.70
C ASN A 205 4.96 -20.07 29.46
N ARG A 206 3.73 -19.54 29.44
CA ARG A 206 2.84 -19.58 28.30
C ARG A 206 3.24 -18.43 27.33
N LEU A 207 3.43 -18.78 26.05
CA LEU A 207 3.81 -17.82 25.02
C LEU A 207 2.56 -17.38 24.28
N VAL A 208 2.36 -16.03 24.26
CA VAL A 208 1.53 -15.34 23.28
C VAL A 208 2.41 -14.87 22.11
N LEU A 209 2.13 -15.40 20.91
CA LEU A 209 2.91 -15.12 19.72
C LEU A 209 2.10 -14.15 18.85
N MET A 210 2.64 -12.95 18.63
CA MET A 210 1.97 -11.89 17.87
C MET A 210 2.61 -11.79 16.47
N THR A 211 1.79 -11.69 15.42
CA THR A 211 2.23 -11.28 14.09
C THR A 211 1.32 -10.14 13.62
N ALA A 212 1.91 -9.15 12.96
CA ALA A 212 1.19 -8.01 12.45
C ALA A 212 1.97 -7.44 11.27
N HIS A 213 1.29 -7.23 10.13
CA HIS A 213 1.83 -6.49 9.02
C HIS A 213 2.05 -5.06 9.48
N ARG A 214 3.16 -4.44 9.08
CA ARG A 214 3.56 -3.11 9.54
C ARG A 214 2.69 -2.01 8.91
N ARG A 215 2.42 -2.13 7.59
CA ARG A 215 1.76 -1.11 6.78
C ARG A 215 0.29 -0.91 7.19
N GLU A 216 -0.50 -2.00 7.23
CA GLU A 216 -1.94 -1.93 7.51
C GLU A 216 -2.25 -1.70 9.01
N ASN A 217 -1.25 -1.88 9.91
CA ASN A 217 -1.39 -1.62 11.33
C ASN A 217 -0.59 -0.40 11.78
N LEU A 218 0.20 0.19 10.87
CA LEU A 218 0.84 1.49 11.03
C LEU A 218 -0.15 2.47 11.70
N GLY A 219 0.33 3.25 12.69
CA GLY A 219 -0.51 4.23 13.37
C GLY A 219 -1.11 3.72 14.69
N GLU A 220 -2.38 4.07 14.92
CA GLU A 220 -3.11 3.78 16.15
C GLU A 220 -3.17 2.27 16.42
N PRO A 221 -3.53 1.43 15.43
CA PRO A 221 -3.61 -0.03 15.62
C PRO A 221 -2.44 -0.60 16.43
N MET A 222 -1.20 -0.49 15.92
CA MET A 222 -0.06 -1.10 16.58
C MET A 222 0.13 -0.51 17.97
N ARG A 223 -0.18 0.77 18.15
CA ARG A 223 -0.02 1.44 19.45
C ARG A 223 -1.00 0.80 20.42
N ASN A 224 -2.21 0.48 19.93
CA ASN A 224 -3.27 -0.20 20.67
C ASN A 224 -2.90 -1.65 21.00
N MET A 225 -2.29 -2.39 20.06
CA MET A 225 -1.81 -3.73 20.28
C MET A 225 -0.74 -3.73 21.36
N PHE A 226 0.16 -2.74 21.31
CA PHE A 226 1.23 -2.58 22.30
C PHE A 226 0.67 -2.32 23.70
N ARG A 227 -0.31 -1.43 23.82
CA ARG A 227 -0.87 -1.09 25.13
C ARG A 227 -1.54 -2.33 25.72
N ALA A 228 -2.13 -3.17 24.83
CA ALA A 228 -2.91 -4.36 25.17
C ALA A 228 -1.98 -5.46 25.63
N ILE A 229 -0.87 -5.69 24.91
CA ILE A 229 0.01 -6.78 25.27
C ILE A 229 0.71 -6.43 26.58
N LYS A 230 0.93 -5.12 26.79
CA LYS A 230 1.57 -4.62 28.00
C LYS A 230 0.67 -4.97 29.18
N ARG A 231 -0.64 -4.76 29.05
CA ARG A 231 -1.60 -5.09 30.08
C ARG A 231 -1.67 -6.60 30.31
N LEU A 232 -1.53 -7.41 29.24
CA LEU A 232 -1.64 -8.86 29.35
C LEU A 232 -0.54 -9.37 30.25
N VAL A 233 0.70 -8.92 30.04
CA VAL A 233 1.82 -9.39 30.83
C VAL A 233 1.75 -8.80 32.23
N ASP A 234 1.11 -7.64 32.40
CA ASP A 234 0.92 -7.05 33.71
C ASP A 234 -0.07 -7.89 34.53
N LYS A 235 -1.09 -8.50 33.90
CA LYS A 235 -2.12 -9.27 34.59
C LYS A 235 -1.75 -10.75 34.75
N HIS A 236 -0.72 -11.22 34.03
CA HIS A 236 -0.34 -12.64 34.00
C HIS A 236 1.15 -12.82 34.13
N GLU A 237 1.59 -13.17 35.34
CA GLU A 237 3.03 -13.24 35.58
C GLU A 237 3.72 -14.36 34.79
N ASP A 238 2.95 -15.39 34.30
CA ASP A 238 3.59 -16.58 33.70
C ASP A 238 3.57 -16.52 32.17
N VAL A 239 3.29 -15.33 31.61
CA VAL A 239 3.16 -15.08 30.18
C VAL A 239 4.33 -14.27 29.62
N GLN A 240 4.78 -14.70 28.42
CA GLN A 240 5.72 -13.94 27.58
C GLN A 240 5.02 -13.67 26.26
N VAL A 241 5.20 -12.45 25.70
CA VAL A 241 4.71 -12.06 24.38
C VAL A 241 5.95 -11.94 23.48
N VAL A 242 5.94 -12.64 22.34
CA VAL A 242 6.98 -12.60 21.31
C VAL A 242 6.35 -12.09 20.00
N TYR A 243 6.89 -10.95 19.53
CA TYR A 243 6.51 -10.30 18.28
C TYR A 243 7.70 -10.36 17.32
N PRO A 244 7.75 -11.32 16.37
CA PRO A 244 8.81 -11.35 15.34
C PRO A 244 8.45 -10.33 14.25
N VAL A 245 9.31 -9.34 14.04
CA VAL A 245 9.07 -8.15 13.21
C VAL A 245 10.40 -7.50 12.81
N HIS A 246 10.50 -6.95 11.57
CA HIS A 246 11.67 -6.22 11.11
C HIS A 246 11.69 -4.83 11.76
N MET A 247 12.59 -4.63 12.75
CA MET A 247 12.69 -3.40 13.53
C MET A 247 13.11 -2.26 12.60
N ASN A 248 12.49 -1.08 12.76
CA ASN A 248 12.87 0.16 12.08
C ASN A 248 12.76 1.23 13.15
N PRO A 249 13.81 2.02 13.47
CA PRO A 249 13.75 2.95 14.59
C PRO A 249 12.38 3.60 14.76
N VAL A 250 11.53 3.61 13.72
CA VAL A 250 10.12 3.94 13.89
C VAL A 250 9.51 3.09 15.02
N VAL A 251 9.55 1.76 14.86
CA VAL A 251 9.02 0.76 15.78
C VAL A 251 9.77 0.87 17.12
N ARG A 252 11.11 0.80 17.07
CA ARG A 252 11.92 0.70 18.29
C ARG A 252 11.44 1.73 19.31
N GLU A 253 11.28 3.01 18.90
CA GLU A 253 10.76 4.05 19.78
C GLU A 253 9.32 3.72 20.15
N THR A 254 8.46 3.53 19.12
CA THR A 254 7.07 3.14 19.32
C THR A 254 6.99 2.08 20.42
N ALA A 255 7.82 1.01 20.30
CA ALA A 255 7.81 -0.11 21.22
C ALA A 255 8.19 0.33 22.63
N ASN A 256 9.47 0.71 22.84
CA ASN A 256 9.96 1.07 24.17
C ASN A 256 9.04 2.09 24.84
N ASP A 257 8.54 3.09 24.07
CA ASP A 257 7.64 4.12 24.59
C ASP A 257 6.48 3.48 25.37
N ILE A 258 5.90 2.39 24.84
CA ILE A 258 4.70 1.76 25.41
C ILE A 258 5.04 0.49 26.18
N LEU A 259 5.97 -0.34 25.62
CA LEU A 259 6.22 -1.72 26.01
C LEU A 259 7.15 -1.76 27.24
N GLY A 260 8.11 -0.81 27.26
CA GLY A 260 9.10 -0.72 28.34
C GLY A 260 10.04 -1.93 28.32
N ASP A 261 10.61 -2.25 29.48
CA ASP A 261 11.77 -3.14 29.59
C ASP A 261 11.64 -4.04 30.83
N TYR A 262 10.46 -4.68 31.00
CA TYR A 262 10.10 -5.38 32.25
C TYR A 262 10.40 -6.89 32.13
N GLY A 263 10.76 -7.30 30.91
CA GLY A 263 11.52 -8.50 30.70
C GLY A 263 10.74 -9.67 30.11
N ARG A 264 9.45 -9.48 29.73
CA ARG A 264 8.59 -10.57 29.25
C ARG A 264 7.85 -10.22 27.93
N ILE A 265 8.19 -9.12 27.26
CA ILE A 265 7.80 -8.75 25.90
C ILE A 265 9.05 -8.64 25.02
N HIS A 266 9.25 -9.58 24.07
CA HIS A 266 10.42 -9.67 23.21
C HIS A 266 10.03 -9.40 21.77
N LEU A 267 10.53 -8.29 21.20
CA LEU A 267 10.51 -8.03 19.75
C LEU A 267 11.79 -8.63 19.18
N ILE A 268 11.65 -9.64 18.30
CA ILE A 268 12.74 -10.39 17.69
C ILE A 268 12.66 -10.23 16.17
N GLU A 269 13.71 -10.63 15.45
CA GLU A 269 13.77 -10.62 13.99
C GLU A 269 12.79 -11.69 13.47
N PRO A 270 12.18 -11.50 12.29
CA PRO A 270 11.29 -12.51 11.72
C PRO A 270 11.83 -13.92 11.81
N LEU A 271 10.96 -14.90 11.98
CA LEU A 271 11.32 -16.30 12.05
C LEU A 271 11.16 -16.91 10.66
N ASP A 272 12.09 -17.80 10.27
CA ASP A 272 11.97 -18.55 9.04
C ASP A 272 10.86 -19.57 9.28
N VAL A 273 10.33 -20.19 8.20
CA VAL A 273 9.02 -20.82 8.25
C VAL A 273 9.06 -21.99 9.20
N ILE A 274 10.19 -22.68 9.25
CA ILE A 274 10.36 -23.87 10.08
C ILE A 274 10.40 -23.45 11.56
N ASP A 275 11.16 -22.38 11.87
CA ASP A 275 11.24 -21.86 13.23
C ASP A 275 9.84 -21.42 13.65
N PHE A 276 9.11 -20.75 12.73
CA PHE A 276 7.76 -20.20 13.01
C PHE A 276 6.80 -21.32 13.37
N HIS A 277 6.73 -22.34 12.52
CA HIS A 277 5.94 -23.53 12.74
C HIS A 277 6.22 -24.10 14.13
N ASN A 278 7.50 -24.20 14.51
CA ASN A 278 7.88 -24.93 15.69
C ASN A 278 7.64 -24.10 16.96
N VAL A 279 7.78 -22.76 16.87
CA VAL A 279 7.40 -21.80 17.92
C VAL A 279 5.86 -21.70 18.05
N ALA A 280 5.13 -21.59 16.93
CA ALA A 280 3.67 -21.52 16.94
C ALA A 280 3.08 -22.80 17.55
N ALA A 281 3.64 -23.95 17.19
CA ALA A 281 3.28 -25.25 17.76
C ALA A 281 3.41 -25.29 19.28
N ARG A 282 4.25 -24.43 19.90
CA ARG A 282 4.42 -24.38 21.37
C ARG A 282 3.80 -23.13 22.00
N SER A 283 2.97 -22.39 21.23
CA SER A 283 2.30 -21.15 21.62
C SER A 283 1.00 -21.45 22.38
N TYR A 284 0.69 -20.66 23.41
CA TYR A 284 -0.59 -20.76 24.12
C TYR A 284 -1.68 -20.01 23.35
N LEU A 285 -1.31 -18.91 22.69
CA LEU A 285 -2.24 -18.02 22.00
C LEU A 285 -1.50 -17.33 20.85
N MET A 286 -2.22 -17.12 19.71
CA MET A 286 -1.72 -16.29 18.61
C MET A 286 -2.55 -15.00 18.49
N LEU A 287 -1.87 -13.84 18.41
CA LEU A 287 -2.45 -12.60 17.94
C LEU A 287 -1.93 -12.34 16.53
N THR A 288 -2.80 -12.21 15.49
CA THR A 288 -2.34 -12.14 14.10
C THR A 288 -3.29 -11.32 13.22
N ASP A 289 -2.72 -10.79 12.13
CA ASP A 289 -3.48 -10.29 10.99
C ASP A 289 -3.09 -11.05 9.71
N SER A 290 -2.46 -12.25 9.81
CA SER A 290 -2.06 -13.07 8.68
C SER A 290 -3.16 -14.06 8.29
N GLY A 291 -3.49 -14.13 6.99
CA GLY A 291 -4.46 -15.10 6.50
C GLY A 291 -3.90 -16.49 6.68
N GLY A 292 -2.60 -16.68 6.39
CA GLY A 292 -1.95 -17.98 6.49
C GLY A 292 -1.97 -18.51 7.92
N VAL A 293 -1.67 -17.63 8.90
CA VAL A 293 -1.72 -18.02 10.30
C VAL A 293 -3.14 -18.46 10.66
N GLN A 294 -4.16 -17.72 10.17
CA GLN A 294 -5.57 -18.02 10.42
C GLN A 294 -5.98 -19.40 9.89
N GLU A 295 -5.39 -19.80 8.76
CA GLU A 295 -5.74 -21.07 8.14
C GLU A 295 -4.84 -22.20 8.62
N GLU A 296 -3.61 -21.92 9.11
CA GLU A 296 -2.64 -22.97 9.46
C GLU A 296 -2.56 -23.21 10.98
N ALA A 297 -2.31 -22.16 11.78
CA ALA A 297 -2.01 -22.25 13.22
C ALA A 297 -3.04 -23.06 13.99
N PRO A 298 -4.33 -23.00 13.64
CA PRO A 298 -5.32 -23.82 14.34
C PRO A 298 -5.12 -25.33 14.28
N SER A 299 -4.44 -25.82 13.21
CA SER A 299 -4.15 -27.25 13.10
C SER A 299 -3.08 -27.65 14.09
N LEU A 300 -2.43 -26.68 14.76
CA LEU A 300 -1.46 -26.90 15.83
C LEU A 300 -2.12 -26.83 17.22
N GLY A 301 -3.42 -26.61 17.27
CA GLY A 301 -4.14 -26.57 18.53
C GLY A 301 -4.07 -25.22 19.22
N VAL A 302 -3.76 -24.14 18.45
CA VAL A 302 -3.50 -22.81 18.97
C VAL A 302 -4.69 -21.89 18.74
N PRO A 303 -5.34 -21.36 19.80
CA PRO A 303 -6.37 -20.35 19.60
C PRO A 303 -5.72 -19.18 18.89
N VAL A 304 -6.44 -18.55 17.96
CA VAL A 304 -5.94 -17.44 17.16
C VAL A 304 -6.92 -16.28 17.28
N LEU A 305 -6.45 -15.12 17.77
CA LEU A 305 -7.20 -13.87 17.74
C LEU A 305 -6.72 -13.05 16.54
N VAL A 306 -7.70 -12.50 15.77
CA VAL A 306 -7.46 -11.79 14.52
C VAL A 306 -7.52 -10.31 14.84
N LEU A 307 -6.42 -9.57 14.57
CA LEU A 307 -6.30 -8.13 14.81
C LEU A 307 -6.88 -7.33 13.64
N ARG A 308 -8.20 -7.42 13.45
CA ARG A 308 -8.92 -6.86 12.32
C ARG A 308 -10.39 -6.73 12.75
N ASP A 309 -11.07 -5.65 12.26
CA ASP A 309 -12.48 -5.39 12.58
C ASP A 309 -13.35 -6.22 11.64
N THR A 310 -12.72 -6.67 10.53
CA THR A 310 -13.34 -7.30 9.37
C THR A 310 -12.53 -8.55 9.02
N THR A 311 -13.19 -9.63 8.54
CA THR A 311 -12.52 -10.87 8.12
C THR A 311 -13.03 -11.34 6.76
N GLU A 312 -12.12 -11.97 5.98
CA GLU A 312 -12.46 -12.67 4.73
C GLU A 312 -12.27 -14.17 4.94
N ARG A 313 -12.12 -14.57 6.22
CA ARG A 313 -12.06 -15.98 6.61
C ARG A 313 -13.19 -16.27 7.60
N PRO A 314 -14.46 -16.20 7.15
CA PRO A 314 -15.61 -16.43 8.02
C PRO A 314 -15.67 -17.86 8.49
N GLU A 315 -15.10 -18.81 7.73
CA GLU A 315 -15.22 -20.23 8.05
C GLU A 315 -14.57 -20.56 9.39
N GLY A 316 -13.39 -19.96 9.65
CA GLY A 316 -12.65 -20.14 10.89
C GLY A 316 -13.38 -19.50 12.08
N ILE A 317 -14.02 -18.34 11.85
CA ILE A 317 -14.83 -17.71 12.89
C ILE A 317 -15.96 -18.65 13.28
N GLU A 318 -16.70 -19.15 12.29
CA GLU A 318 -17.87 -19.97 12.55
C GLU A 318 -17.48 -21.31 13.18
N ALA A 319 -16.32 -21.90 12.78
CA ALA A 319 -15.86 -23.18 13.32
C ALA A 319 -15.36 -23.05 14.76
N GLY A 320 -14.98 -21.82 15.16
CA GLY A 320 -14.54 -21.54 16.53
C GLY A 320 -13.01 -21.63 16.73
N THR A 321 -12.25 -21.65 15.61
CA THR A 321 -10.79 -21.67 15.60
C THR A 321 -10.17 -20.28 15.63
N LEU A 322 -11.01 -19.29 15.26
CA LEU A 322 -10.65 -17.87 15.23
C LEU A 322 -11.74 -17.03 15.92
N LYS A 323 -11.33 -15.85 16.41
CA LYS A 323 -12.18 -14.81 16.97
C LYS A 323 -11.65 -13.47 16.49
N LEU A 324 -12.54 -12.57 16.07
CA LEU A 324 -12.19 -11.19 15.72
C LEU A 324 -11.92 -10.41 17.00
N ALA A 325 -10.72 -9.83 17.10
CA ALA A 325 -10.25 -9.06 18.26
C ALA A 325 -10.31 -7.56 17.99
N GLY A 326 -10.42 -7.20 16.71
CA GLY A 326 -10.40 -5.82 16.27
C GLY A 326 -9.01 -5.21 16.35
N THR A 327 -9.00 -3.88 16.25
CA THR A 327 -7.79 -3.08 16.22
C THR A 327 -7.72 -2.25 17.51
N ASP A 328 -8.82 -2.24 18.33
CA ASP A 328 -8.89 -1.39 19.52
C ASP A 328 -8.33 -2.11 20.74
N GLU A 329 -7.56 -1.39 21.57
CA GLU A 329 -6.89 -1.88 22.77
C GLU A 329 -7.79 -2.79 23.61
N GLU A 330 -8.99 -2.32 23.90
CA GLU A 330 -9.83 -2.89 24.92
C GLU A 330 -10.31 -4.29 24.48
N THR A 331 -10.75 -4.47 23.22
CA THR A 331 -11.21 -5.78 22.75
C THR A 331 -10.03 -6.76 22.55
N ILE A 332 -8.85 -6.27 22.14
CA ILE A 332 -7.68 -7.11 22.07
C ILE A 332 -7.32 -7.64 23.46
N PHE A 333 -7.20 -6.74 24.44
CA PHE A 333 -6.94 -7.12 25.83
C PHE A 333 -7.95 -8.15 26.34
N SER A 334 -9.21 -7.76 26.24
CA SER A 334 -10.37 -8.42 26.81
C SER A 334 -10.44 -9.86 26.31
N LEU A 335 -10.26 -10.09 25.01
CA LEU A 335 -10.32 -11.45 24.44
C LEU A 335 -9.09 -12.30 24.78
N ALA A 336 -7.89 -11.70 24.77
CA ALA A 336 -6.67 -12.43 25.10
C ALA A 336 -6.65 -12.82 26.56
N ASP A 337 -6.98 -11.85 27.43
CA ASP A 337 -7.10 -12.01 28.87
C ASP A 337 -8.00 -13.19 29.24
N GLU A 338 -9.16 -13.27 28.62
CA GLU A 338 -10.14 -14.35 28.74
C GLU A 338 -9.48 -15.70 28.46
N LEU A 339 -8.79 -15.81 27.33
CA LEU A 339 -8.23 -17.09 26.91
C LEU A 339 -7.10 -17.46 27.85
N LEU A 340 -6.40 -16.45 28.42
CA LEU A 340 -5.31 -16.68 29.38
C LEU A 340 -5.83 -16.99 30.78
N SER A 341 -7.06 -16.60 31.13
CA SER A 341 -7.58 -16.67 32.49
C SER A 341 -8.62 -17.78 32.66
N ASP A 342 -9.04 -18.43 31.56
CA ASP A 342 -10.04 -19.49 31.55
C ASP A 342 -9.55 -20.66 30.69
N LYS A 343 -9.03 -21.73 31.32
CA LYS A 343 -8.54 -22.92 30.63
C LYS A 343 -9.63 -23.49 29.70
N GLU A 344 -10.90 -23.44 30.11
CA GLU A 344 -12.00 -24.04 29.36
C GLU A 344 -12.15 -23.26 28.06
N ALA A 345 -12.15 -21.93 28.13
CA ALA A 345 -12.26 -21.10 26.92
C ALA A 345 -11.08 -21.39 25.98
N HIS A 346 -9.86 -21.51 26.51
CA HIS A 346 -8.69 -21.85 25.69
C HIS A 346 -8.85 -23.21 24.98
N ASP A 347 -9.19 -24.28 25.74
CA ASP A 347 -9.24 -25.65 25.24
C ASP A 347 -10.34 -25.80 24.21
N LYS A 348 -11.47 -25.13 24.42
CA LYS A 348 -12.53 -25.14 23.43
C LYS A 348 -11.97 -24.70 22.06
N MET A 349 -11.42 -23.46 21.96
CA MET A 349 -10.83 -22.95 20.73
C MET A 349 -9.74 -23.90 20.20
N SER A 350 -8.94 -24.45 21.11
CA SER A 350 -7.83 -25.34 20.80
C SER A 350 -8.28 -26.64 20.13
N LYS A 351 -9.41 -27.21 20.58
CA LYS A 351 -9.85 -28.51 20.09
C LYS A 351 -10.81 -28.37 18.92
N ALA A 352 -11.13 -27.13 18.51
CA ALA A 352 -12.01 -26.86 17.39
C ALA A 352 -11.33 -27.34 16.09
N SER A 353 -12.12 -28.01 15.20
CA SER A 353 -11.67 -28.57 13.94
C SER A 353 -11.35 -27.43 12.99
N ASN A 354 -10.14 -27.48 12.36
CA ASN A 354 -9.73 -26.41 11.44
C ASN A 354 -10.42 -26.61 10.09
N PRO A 355 -11.34 -25.70 9.69
CA PRO A 355 -12.12 -25.92 8.47
C PRO A 355 -11.30 -25.82 7.19
N TYR A 356 -10.07 -25.27 7.23
CA TYR A 356 -9.28 -25.02 6.05
C TYR A 356 -8.49 -26.25 5.61
N GLY A 357 -8.54 -27.35 6.41
CA GLY A 357 -7.85 -28.59 6.04
C GLY A 357 -7.58 -29.51 7.23
N ASP A 358 -7.41 -30.82 6.93
CA ASP A 358 -7.21 -31.90 7.86
C ASP A 358 -5.89 -32.60 7.58
N GLY A 359 -5.02 -31.96 6.77
CA GLY A 359 -3.66 -32.47 6.51
C GLY A 359 -3.59 -33.50 5.37
N ARG A 360 -4.75 -33.72 4.69
CA ARG A 360 -4.83 -34.69 3.62
C ARG A 360 -5.11 -34.02 2.28
N ALA A 361 -4.81 -32.71 2.12
CA ALA A 361 -5.08 -32.00 0.86
C ALA A 361 -4.34 -32.67 -0.31
N SER A 362 -3.06 -32.98 -0.09
CA SER A 362 -2.18 -33.54 -1.09
C SER A 362 -2.70 -34.89 -1.57
N GLU A 363 -3.17 -35.76 -0.66
CA GLU A 363 -3.81 -37.03 -1.01
C GLU A 363 -4.94 -36.80 -2.01
N ARG A 364 -5.85 -35.86 -1.71
CA ARG A 364 -7.00 -35.55 -2.54
C ARG A 364 -6.60 -34.99 -3.90
N ILE A 365 -5.55 -34.15 -3.95
CA ILE A 365 -5.01 -33.60 -5.19
C ILE A 365 -4.51 -34.74 -6.09
N VAL A 366 -3.66 -35.61 -5.54
CA VAL A 366 -3.06 -36.70 -6.31
C VAL A 366 -4.12 -37.72 -6.74
N GLU A 367 -5.14 -37.97 -5.91
CA GLU A 367 -6.21 -38.89 -6.29
C GLU A 367 -6.98 -38.31 -7.47
N ALA A 368 -7.25 -36.99 -7.45
CA ALA A 368 -7.94 -36.33 -8.56
C ALA A 368 -7.12 -36.41 -9.84
N ILE A 369 -5.79 -36.22 -9.77
CA ILE A 369 -4.94 -36.31 -10.94
C ILE A 369 -5.00 -37.72 -11.52
N LEU A 370 -4.80 -38.72 -10.69
CA LEU A 370 -4.74 -40.11 -11.16
C LEU A 370 -6.08 -40.47 -11.81
N LYS A 371 -7.22 -40.10 -11.21
CA LYS A 371 -8.54 -40.37 -11.76
C LYS A 371 -8.72 -39.61 -13.08
N HIS A 372 -8.30 -38.34 -13.13
CA HIS A 372 -8.43 -37.56 -14.35
C HIS A 372 -7.69 -38.24 -15.50
N PHE A 373 -6.54 -38.86 -15.21
CA PHE A 373 -5.77 -39.51 -16.26
C PHE A 373 -6.07 -41.01 -16.33
N ASN A 374 -7.09 -41.49 -15.59
CA ASN A 374 -7.51 -42.89 -15.60
C ASN A 374 -6.30 -43.82 -15.42
N LYS A 375 -5.43 -43.46 -14.47
CA LYS A 375 -4.32 -44.27 -13.98
C LYS A 375 -4.75 -44.87 -12.62
N GLU B 7 25.69 43.36 -2.24
CA GLU B 7 25.08 43.03 -3.57
C GLU B 7 24.35 41.68 -3.50
N ARG B 8 23.08 41.71 -3.95
CA ARG B 8 22.04 40.73 -3.67
C ARG B 8 22.23 39.40 -4.41
N LEU B 9 21.81 38.32 -3.73
CA LEU B 9 21.75 36.97 -4.31
C LEU B 9 20.54 36.92 -5.25
N LYS B 10 20.77 36.58 -6.53
CA LYS B 10 19.70 36.58 -7.54
C LYS B 10 19.10 35.19 -7.60
N VAL B 11 17.84 35.05 -7.16
CA VAL B 11 17.21 33.74 -7.06
C VAL B 11 16.12 33.73 -8.09
N MET B 12 16.22 32.81 -9.08
CA MET B 12 15.18 32.64 -10.10
C MET B 12 14.33 31.39 -9.80
N THR B 13 12.99 31.60 -9.70
CA THR B 13 12.00 30.58 -9.45
C THR B 13 11.22 30.28 -10.74
N ILE B 14 11.21 29.01 -11.18
CA ILE B 14 10.45 28.60 -12.37
C ILE B 14 9.06 28.11 -11.96
N PHE B 15 8.04 28.65 -12.64
CA PHE B 15 6.67 28.17 -12.69
C PHE B 15 6.44 27.52 -14.06
N GLY B 16 6.52 26.18 -14.15
CA GLY B 16 6.49 25.41 -15.38
C GLY B 16 5.13 24.79 -15.71
N THR B 17 4.24 24.61 -14.74
CA THR B 17 2.93 23.99 -14.92
C THR B 17 1.93 24.65 -13.96
N ARG B 18 0.62 24.46 -14.20
CA ARG B 18 -0.43 25.16 -13.44
C ARG B 18 -0.39 24.75 -11.99
N PRO B 19 -0.30 23.45 -11.66
CA PRO B 19 -0.29 23.02 -10.26
C PRO B 19 0.88 23.52 -9.43
N GLU B 20 1.95 24.00 -10.07
CA GLU B 20 3.10 24.61 -9.42
C GLU B 20 2.80 26.00 -8.86
N ALA B 21 1.73 26.67 -9.31
CA ALA B 21 1.47 28.04 -8.89
C ALA B 21 1.29 28.11 -7.37
N ILE B 22 0.43 27.24 -6.84
CA ILE B 22 0.18 27.15 -5.41
C ILE B 22 1.42 26.64 -4.67
N LYS B 23 2.24 25.78 -5.29
CA LYS B 23 3.39 25.16 -4.68
C LYS B 23 4.62 26.08 -4.64
N MET B 24 4.80 26.96 -5.64
CA MET B 24 5.97 27.81 -5.70
C MET B 24 5.66 29.26 -5.31
N ALA B 25 4.40 29.71 -5.36
CA ALA B 25 4.05 31.06 -4.96
C ALA B 25 4.44 31.38 -3.52
N PRO B 26 4.20 30.48 -2.54
CA PRO B 26 4.60 30.73 -1.16
C PRO B 26 6.10 30.89 -0.99
N LEU B 27 6.87 30.19 -1.84
CA LEU B 27 8.32 30.26 -1.82
C LEU B 27 8.78 31.63 -2.33
N VAL B 28 8.13 32.15 -3.38
CA VAL B 28 8.42 33.47 -3.90
C VAL B 28 8.06 34.55 -2.86
N LEU B 29 6.91 34.38 -2.22
CA LEU B 29 6.50 35.29 -1.16
C LEU B 29 7.59 35.36 -0.08
N GLU B 30 8.19 34.20 0.27
CA GLU B 30 9.18 34.15 1.33
C GLU B 30 10.50 34.77 0.87
N LEU B 31 10.86 34.59 -0.40
CA LEU B 31 12.01 35.27 -0.98
C LEU B 31 11.79 36.79 -1.01
N GLN B 32 10.55 37.25 -1.25
CA GLN B 32 10.24 38.68 -1.27
C GLN B 32 10.26 39.31 0.12
N LYS B 33 10.47 38.52 1.19
CA LYS B 33 10.60 39.03 2.56
C LYS B 33 12.05 39.37 2.93
N HIS B 34 12.98 39.19 1.97
CA HIS B 34 14.41 39.44 2.15
C HIS B 34 14.96 40.40 1.07
N PRO B 35 14.30 41.56 0.80
CA PRO B 35 14.69 42.43 -0.32
C PRO B 35 16.07 43.08 -0.21
N GLU B 36 16.75 42.94 0.94
CA GLU B 36 18.08 43.53 1.08
C GLU B 36 19.14 42.51 0.70
N LYS B 37 18.82 41.22 0.84
CA LYS B 37 19.78 40.14 0.60
C LYS B 37 19.48 39.43 -0.74
N ILE B 38 18.23 39.53 -1.24
CA ILE B 38 17.74 38.68 -2.32
C ILE B 38 16.99 39.54 -3.33
N GLU B 39 17.42 39.37 -4.59
CA GLU B 39 16.65 39.78 -5.76
C GLU B 39 15.89 38.54 -6.26
N SER B 40 14.55 38.56 -6.06
CA SER B 40 13.64 37.49 -6.50
C SER B 40 13.22 37.68 -7.94
N ILE B 41 13.55 36.69 -8.81
CA ILE B 41 13.29 36.75 -10.25
C ILE B 41 12.38 35.59 -10.66
N VAL B 42 11.22 35.88 -11.25
CA VAL B 42 10.20 34.88 -11.51
C VAL B 42 10.08 34.65 -13.01
N THR B 43 10.18 33.36 -13.41
CA THR B 43 10.04 32.91 -14.79
C THR B 43 8.85 31.95 -14.88
N VAL B 44 7.82 32.28 -15.70
CA VAL B 44 6.68 31.42 -15.98
C VAL B 44 6.80 30.82 -17.37
N THR B 45 6.78 29.47 -17.48
CA THR B 45 6.83 28.78 -18.79
C THR B 45 5.54 27.96 -19.04
N ALA B 46 4.54 28.02 -18.15
CA ALA B 46 3.36 27.16 -18.20
C ALA B 46 2.51 27.55 -19.41
N GLN B 47 1.90 26.53 -20.03
CA GLN B 47 1.10 26.63 -21.23
C GLN B 47 -0.23 27.34 -20.92
N HIS B 48 -0.91 26.88 -19.87
CA HIS B 48 -2.20 27.38 -19.43
C HIS B 48 -1.99 28.37 -18.27
N ARG B 49 -2.60 29.58 -18.41
CA ARG B 49 -2.25 30.72 -17.59
C ARG B 49 -3.38 31.22 -16.69
N GLN B 50 -4.67 30.94 -16.97
CA GLN B 50 -5.70 31.71 -16.26
C GLN B 50 -5.61 31.47 -14.74
N MET B 51 -5.55 30.19 -14.31
CA MET B 51 -5.49 29.84 -12.89
C MET B 51 -4.16 30.29 -12.25
N LEU B 52 -3.05 30.04 -12.95
CA LEU B 52 -1.74 30.47 -12.47
C LEU B 52 -1.69 31.97 -12.19
N ASP B 53 -2.24 32.77 -13.13
CA ASP B 53 -2.21 34.23 -13.04
C ASP B 53 -3.06 34.68 -11.85
N GLN B 54 -4.18 33.96 -11.63
CA GLN B 54 -5.08 34.22 -10.52
C GLN B 54 -4.27 34.07 -9.23
N VAL B 55 -3.51 32.96 -9.14
CA VAL B 55 -2.72 32.61 -7.96
C VAL B 55 -1.60 33.61 -7.75
N LEU B 56 -0.79 33.88 -8.78
CA LEU B 56 0.31 34.83 -8.63
C LEU B 56 -0.18 36.19 -8.11
N SER B 57 -1.37 36.62 -8.53
CA SER B 57 -1.93 37.93 -8.15
C SER B 57 -2.39 37.92 -6.68
N ILE B 58 -3.08 36.85 -6.23
CA ILE B 58 -3.37 36.64 -4.80
C ILE B 58 -2.08 36.78 -3.96
N PHE B 59 -0.94 36.24 -4.44
CA PHE B 59 0.32 36.29 -3.72
C PHE B 59 1.15 37.56 -4.00
N GLY B 60 0.65 38.48 -4.83
CA GLY B 60 1.33 39.72 -5.19
C GLY B 60 2.67 39.52 -5.92
N ILE B 61 2.68 38.60 -6.90
CA ILE B 61 3.85 38.20 -7.69
C ILE B 61 3.63 38.60 -9.16
N THR B 62 4.64 39.32 -9.68
CA THR B 62 4.70 39.77 -11.07
C THR B 62 5.86 39.06 -11.74
N PRO B 63 5.58 38.20 -12.75
CA PRO B 63 6.62 37.51 -13.51
C PRO B 63 7.57 38.49 -14.15
N ASP B 64 8.87 38.17 -14.13
CA ASP B 64 9.92 38.93 -14.81
C ASP B 64 10.12 38.43 -16.26
N PHE B 65 9.91 37.12 -16.51
CA PHE B 65 10.02 36.45 -17.81
C PHE B 65 8.85 35.49 -18.07
N ASP B 66 8.11 35.64 -19.20
CA ASP B 66 7.03 34.76 -19.65
C ASP B 66 7.51 34.03 -20.91
N LEU B 67 7.64 32.70 -20.88
CA LEU B 67 7.83 31.85 -22.07
C LEU B 67 6.55 31.03 -22.32
N ASN B 68 6.14 30.89 -23.60
CA ASN B 68 5.16 29.91 -24.07
C ASN B 68 5.95 28.68 -24.55
N ILE B 69 5.97 27.60 -23.74
CA ILE B 69 6.48 26.28 -24.15
C ILE B 69 5.29 25.32 -24.34
N MET B 70 4.91 25.06 -25.60
CA MET B 70 3.72 24.29 -25.93
C MET B 70 3.97 22.81 -25.61
N LYS B 71 2.97 22.16 -24.99
CA LYS B 71 2.95 20.73 -24.69
C LYS B 71 1.60 20.13 -25.10
N ASP B 72 0.87 20.83 -26.01
CA ASP B 72 -0.39 20.35 -26.61
C ASP B 72 -0.01 19.56 -27.87
N ARG B 73 -0.12 18.22 -27.78
CA ARG B 73 0.17 17.30 -28.87
C ARG B 73 1.65 17.41 -29.31
N GLN B 74 2.58 17.73 -28.37
CA GLN B 74 4.00 17.98 -28.68
C GLN B 74 4.85 16.82 -28.19
N THR B 75 5.90 16.49 -28.97
CA THR B 75 6.83 15.40 -28.64
C THR B 75 7.80 15.82 -27.53
N LEU B 76 8.29 14.87 -26.70
CA LEU B 76 9.28 15.18 -25.70
C LEU B 76 10.48 15.90 -26.34
N ILE B 77 10.87 15.51 -27.55
CA ILE B 77 12.08 16.01 -28.23
C ILE B 77 11.94 17.50 -28.45
N ASP B 78 10.79 17.92 -28.97
CA ASP B 78 10.54 19.32 -29.34
C ASP B 78 10.40 20.16 -28.08
N ILE B 79 9.71 19.66 -27.06
CA ILE B 79 9.58 20.34 -25.79
C ILE B 79 10.99 20.53 -25.20
N THR B 80 11.85 19.48 -25.27
CA THR B 80 13.19 19.41 -24.69
C THR B 80 14.10 20.44 -25.35
N THR B 81 14.17 20.45 -26.68
CA THR B 81 15.02 21.38 -27.42
C THR B 81 14.52 22.83 -27.33
N ARG B 82 13.23 23.09 -27.58
CA ARG B 82 12.68 24.44 -27.52
C ARG B 82 12.67 25.01 -26.10
N GLY B 83 12.34 24.19 -25.10
CA GLY B 83 12.48 24.59 -23.72
C GLY B 83 13.93 24.85 -23.30
N LEU B 84 14.90 24.00 -23.69
CA LEU B 84 16.30 24.22 -23.37
C LEU B 84 16.80 25.58 -23.90
N GLU B 85 16.59 25.83 -25.19
CA GLU B 85 16.84 27.11 -25.84
C GLU B 85 16.22 28.28 -25.08
N GLY B 86 14.90 28.26 -24.90
CA GLY B 86 14.13 29.29 -24.17
C GLY B 86 14.73 29.60 -22.80
N LEU B 87 14.99 28.57 -21.99
CA LEU B 87 15.44 28.82 -20.63
C LEU B 87 16.92 29.22 -20.64
N ASP B 88 17.67 28.77 -21.63
CA ASP B 88 19.07 29.16 -21.70
C ASP B 88 19.12 30.67 -21.93
N LYS B 89 18.31 31.18 -22.86
CA LYS B 89 18.34 32.59 -23.21
C LYS B 89 18.01 33.44 -21.98
N VAL B 90 16.98 33.01 -21.23
CA VAL B 90 16.53 33.73 -20.05
C VAL B 90 17.65 33.79 -19.01
N MET B 91 18.35 32.67 -18.85
CA MET B 91 19.41 32.58 -17.85
C MET B 91 20.63 33.41 -18.26
N LYS B 92 20.93 33.52 -19.56
CA LYS B 92 22.03 34.33 -20.05
C LYS B 92 21.77 35.81 -19.79
N GLU B 93 20.52 36.22 -19.85
CA GLU B 93 20.08 37.59 -19.64
C GLU B 93 20.06 37.97 -18.16
N ALA B 94 19.40 37.16 -17.31
CA ALA B 94 19.07 37.50 -15.94
C ALA B 94 20.19 37.10 -15.00
N LYS B 95 21.06 36.15 -15.42
CA LYS B 95 22.25 35.78 -14.64
C LYS B 95 21.88 35.50 -13.18
N PRO B 96 20.91 34.58 -12.92
CA PRO B 96 20.60 34.20 -11.54
C PRO B 96 21.75 33.45 -10.86
N ASP B 97 21.88 33.59 -9.54
CA ASP B 97 22.89 32.86 -8.78
C ASP B 97 22.40 31.46 -8.48
N ILE B 98 21.06 31.26 -8.45
CA ILE B 98 20.49 29.92 -8.27
C ILE B 98 19.15 29.89 -8.97
N VAL B 99 18.79 28.72 -9.55
CA VAL B 99 17.52 28.47 -10.22
C VAL B 99 16.75 27.42 -9.42
N LEU B 100 15.51 27.74 -9.04
CA LEU B 100 14.70 26.86 -8.21
C LEU B 100 13.65 26.22 -9.09
N VAL B 101 13.61 24.87 -9.07
CA VAL B 101 12.72 24.07 -9.91
C VAL B 101 11.91 23.06 -9.09
N HIS B 102 10.65 22.82 -9.52
CA HIS B 102 9.75 21.95 -8.78
C HIS B 102 9.54 20.60 -9.46
N GLY B 103 9.58 19.52 -8.69
CA GLY B 103 8.92 18.27 -9.01
C GLY B 103 9.57 17.51 -10.12
N ASP B 104 8.74 16.84 -10.95
CA ASP B 104 9.13 15.74 -11.81
C ASP B 104 8.90 16.02 -13.30
N THR B 105 8.73 17.31 -13.70
CA THR B 105 8.32 17.68 -15.03
C THR B 105 9.49 17.72 -16.02
N THR B 106 9.21 17.61 -17.34
CA THR B 106 10.24 17.76 -18.38
C THR B 106 10.84 19.16 -18.31
N THR B 107 10.05 20.19 -18.04
CA THR B 107 10.53 21.55 -17.90
C THR B 107 11.55 21.71 -16.75
N THR B 108 11.30 21.08 -15.61
CA THR B 108 12.21 21.06 -14.48
C THR B 108 13.54 20.45 -14.91
N PHE B 109 13.47 19.39 -15.68
CA PHE B 109 14.66 18.69 -16.14
C PHE B 109 15.44 19.66 -17.02
N ILE B 110 14.79 20.27 -18.00
CA ILE B 110 15.54 21.09 -18.95
C ILE B 110 15.93 22.43 -18.37
N ALA B 111 15.18 22.96 -17.40
CA ALA B 111 15.51 24.15 -16.61
C ALA B 111 16.81 23.90 -15.87
N SER B 112 16.94 22.70 -15.28
CA SER B 112 18.17 22.30 -14.62
C SER B 112 19.34 22.17 -15.61
N LEU B 113 19.09 21.56 -16.78
CA LEU B 113 20.15 21.40 -17.75
C LEU B 113 20.62 22.75 -18.27
N ALA B 114 19.71 23.69 -18.52
CA ALA B 114 20.07 25.03 -18.96
C ALA B 114 20.92 25.70 -17.90
N ALA B 115 20.54 25.58 -16.59
CA ALA B 115 21.33 26.13 -15.48
C ALA B 115 22.75 25.57 -15.54
N PHE B 116 22.85 24.25 -15.65
CA PHE B 116 24.10 23.52 -15.70
C PHE B 116 24.95 23.99 -16.86
N TYR B 117 24.30 24.23 -17.98
CA TYR B 117 24.96 24.71 -19.22
C TYR B 117 25.37 26.20 -19.13
N ASN B 118 24.98 26.90 -18.05
CA ASN B 118 25.45 28.22 -17.69
C ASN B 118 26.21 28.18 -16.36
N GLN B 119 26.49 26.97 -15.82
CA GLN B 119 27.22 26.87 -14.55
C GLN B 119 26.48 27.67 -13.47
N ILE B 120 25.14 27.60 -13.49
CA ILE B 120 24.28 28.16 -12.45
C ILE B 120 23.74 27.05 -11.57
N PRO B 121 23.82 27.22 -10.22
CA PRO B 121 23.31 26.23 -9.25
C PRO B 121 21.80 26.05 -9.37
N VAL B 122 21.36 24.82 -9.04
CA VAL B 122 19.93 24.45 -9.05
C VAL B 122 19.51 24.00 -7.64
N GLY B 123 18.41 24.55 -7.15
CA GLY B 123 17.70 24.01 -6.03
C GLY B 123 16.39 23.34 -6.46
N HIS B 124 16.23 22.09 -6.00
CA HIS B 124 15.13 21.24 -6.42
C HIS B 124 14.06 21.21 -5.36
N VAL B 125 12.96 21.93 -5.59
CA VAL B 125 11.86 21.90 -4.63
C VAL B 125 11.06 20.63 -4.89
N GLU B 126 10.75 19.90 -3.80
CA GLU B 126 10.02 18.63 -3.77
C GLU B 126 10.83 17.54 -4.48
N ALA B 127 11.93 17.14 -3.81
CA ALA B 127 12.93 16.22 -4.27
C ALA B 127 12.91 14.91 -3.49
N GLY B 128 13.13 13.77 -4.19
CA GLY B 128 13.42 12.47 -3.57
C GLY B 128 12.35 11.38 -3.78
N LEU B 129 11.20 11.74 -4.36
CA LEU B 129 10.15 10.77 -4.68
C LEU B 129 10.74 9.75 -5.64
N ARG B 130 10.66 8.45 -5.29
CA ARG B 130 11.20 7.38 -6.08
C ARG B 130 10.14 6.26 -6.19
N THR B 131 10.12 5.70 -7.39
CA THR B 131 9.41 4.52 -7.79
C THR B 131 10.45 3.42 -8.08
N TRP B 132 11.64 3.84 -8.55
CA TRP B 132 12.81 3.01 -8.87
C TRP B 132 12.54 2.26 -10.18
N ASP B 133 11.49 2.66 -10.93
CA ASP B 133 11.02 2.09 -12.18
C ASP B 133 11.16 3.18 -13.24
N LYS B 134 12.17 3.10 -14.12
CA LYS B 134 12.50 4.17 -15.05
C LYS B 134 11.39 4.51 -16.05
N TYR B 135 10.37 3.62 -16.18
CA TYR B 135 9.30 3.77 -17.16
C TYR B 135 7.94 3.88 -16.51
N SER B 136 7.91 4.13 -15.20
CA SER B 136 6.64 4.19 -14.49
C SER B 136 6.79 4.97 -13.20
N PRO B 137 6.42 6.26 -13.17
CA PRO B 137 5.84 6.94 -14.35
C PRO B 137 6.88 7.32 -15.39
N TYR B 138 6.37 7.50 -16.62
CA TYR B 138 7.16 7.84 -17.79
C TYR B 138 6.67 9.15 -18.39
N PRO B 139 7.53 10.19 -18.57
CA PRO B 139 8.93 10.18 -18.16
C PRO B 139 9.30 10.67 -16.76
N GLU B 140 8.31 10.81 -15.86
CA GLU B 140 8.46 11.59 -14.61
C GLU B 140 9.55 11.04 -13.69
N GLU B 141 9.63 9.71 -13.59
CA GLU B 141 10.62 9.07 -12.74
C GLU B 141 12.01 9.43 -13.26
N MET B 142 12.26 9.27 -14.55
CA MET B 142 13.57 9.62 -15.11
C MET B 142 13.88 11.11 -14.92
N ASN B 143 12.88 11.99 -15.10
CA ASN B 143 13.02 13.44 -14.95
C ASN B 143 13.53 13.75 -13.57
N ARG B 144 12.92 13.16 -12.55
CA ARG B 144 13.37 13.45 -11.19
C ARG B 144 14.74 12.87 -10.87
N GLN B 145 15.13 11.77 -11.51
CA GLN B 145 16.51 11.27 -11.38
C GLN B 145 17.54 12.17 -12.08
N LEU B 146 17.27 12.56 -13.34
CA LEU B 146 18.08 13.52 -14.09
C LEU B 146 18.23 14.85 -13.36
N THR B 147 17.14 15.42 -12.91
CA THR B 147 17.15 16.65 -12.11
C THR B 147 17.98 16.37 -10.86
N GLY B 148 17.77 15.21 -10.23
CA GLY B 148 18.51 14.78 -9.04
C GLY B 148 20.01 14.91 -9.18
N VAL B 149 20.62 14.44 -10.28
CA VAL B 149 22.07 14.46 -10.40
C VAL B 149 22.55 15.89 -10.57
N MET B 150 21.72 16.76 -11.16
CA MET B 150 22.15 18.12 -11.49
C MET B 150 21.95 19.09 -10.32
N ALA B 151 21.17 18.70 -9.28
CA ALA B 151 20.78 19.67 -8.27
C ALA B 151 21.93 19.98 -7.30
N ASP B 152 21.99 21.23 -6.80
CA ASP B 152 22.96 21.61 -5.78
C ASP B 152 22.34 21.47 -4.37
N LEU B 153 21.06 21.76 -4.25
CA LEU B 153 20.30 21.70 -3.02
C LEU B 153 19.03 20.87 -3.27
N HIS B 154 18.63 20.02 -2.30
CA HIS B 154 17.46 19.13 -2.43
C HIS B 154 16.49 19.41 -1.30
N PHE B 155 15.30 19.92 -1.62
CA PHE B 155 14.24 20.26 -0.68
C PHE B 155 13.19 19.13 -0.68
N SER B 156 13.41 18.17 0.23
CA SER B 156 12.63 16.95 0.40
C SER B 156 11.45 17.23 1.30
N PRO B 157 10.24 16.82 0.91
CA PRO B 157 9.07 17.07 1.74
C PRO B 157 9.02 16.19 2.97
N THR B 158 9.66 15.01 2.94
CA THR B 158 9.56 13.98 3.97
C THR B 158 10.89 13.26 4.12
N ALA B 159 11.09 12.66 5.30
CA ALA B 159 12.26 11.84 5.60
C ALA B 159 12.44 10.75 4.55
N LYS B 160 11.36 10.08 4.11
CA LYS B 160 11.48 9.01 3.10
C LYS B 160 12.09 9.55 1.80
N SER B 161 11.62 10.68 1.27
CA SER B 161 12.23 11.33 0.11
C SER B 161 13.72 11.65 0.30
N ALA B 162 14.12 12.15 1.49
CA ALA B 162 15.50 12.43 1.86
C ALA B 162 16.33 11.15 1.93
N THR B 163 15.74 10.07 2.46
CA THR B 163 16.37 8.76 2.54
C THR B 163 16.67 8.26 1.12
N ASN B 164 15.69 8.37 0.21
CA ASN B 164 15.85 7.93 -1.17
C ASN B 164 17.08 8.61 -1.80
N LEU B 165 17.24 9.91 -1.57
CA LEU B 165 18.39 10.67 -2.06
C LEU B 165 19.69 10.22 -1.40
N GLN B 166 19.64 9.92 -0.08
CA GLN B 166 20.82 9.50 0.65
C GLN B 166 21.25 8.15 0.07
N LYS B 167 20.29 7.27 -0.26
CA LYS B 167 20.52 5.94 -0.81
C LYS B 167 21.21 6.03 -2.19
N GLU B 168 21.05 7.16 -2.89
CA GLU B 168 21.71 7.41 -4.18
C GLU B 168 23.05 8.13 -4.00
N ASN B 169 23.52 8.17 -2.74
CA ASN B 169 24.82 8.71 -2.37
C ASN B 169 24.91 10.20 -2.65
N LYS B 170 23.79 10.93 -2.57
CA LYS B 170 23.84 12.38 -2.56
C LYS B 170 24.38 12.85 -1.20
N ASP B 171 25.00 14.05 -1.22
CA ASP B 171 25.69 14.68 -0.11
C ASP B 171 24.63 15.15 0.89
N GLU B 172 24.66 14.58 2.10
CA GLU B 172 23.68 14.82 3.15
C GLU B 172 23.59 16.31 3.47
N SER B 173 24.68 17.06 3.31
CA SER B 173 24.68 18.49 3.69
C SER B 173 23.84 19.30 2.69
N ARG B 174 23.48 18.68 1.54
CA ARG B 174 22.72 19.32 0.46
C ARG B 174 21.27 18.86 0.46
N ILE B 175 20.85 18.04 1.45
CA ILE B 175 19.51 17.44 1.52
C ILE B 175 18.78 17.98 2.73
N PHE B 176 17.63 18.64 2.53
CA PHE B 176 16.90 19.26 3.61
C PHE B 176 15.45 18.76 3.62
N ILE B 177 14.98 18.27 4.79
CA ILE B 177 13.57 17.97 5.01
C ILE B 177 12.86 19.28 5.36
N THR B 178 12.10 19.83 4.39
CA THR B 178 11.51 21.15 4.50
C THR B 178 10.03 21.03 4.82
N GLY B 179 9.42 19.89 4.47
CA GLY B 179 7.96 19.78 4.33
C GLY B 179 7.54 20.21 2.92
N ASN B 180 6.22 20.25 2.71
CA ASN B 180 5.54 20.44 1.44
C ASN B 180 5.11 21.91 1.38
N THR B 181 5.63 22.62 0.39
CA THR B 181 5.40 24.06 0.23
C THR B 181 3.93 24.40 0.03
N ALA B 182 3.14 23.49 -0.56
CA ALA B 182 1.69 23.73 -0.78
C ALA B 182 1.00 24.08 0.54
N ILE B 183 1.47 23.49 1.64
CA ILE B 183 0.89 23.74 2.97
C ILE B 183 1.09 25.19 3.38
N ASP B 184 2.20 25.81 2.95
CA ASP B 184 2.56 27.18 3.30
C ASP B 184 1.59 28.16 2.64
N ALA B 185 0.96 27.75 1.51
CA ALA B 185 0.03 28.62 0.78
C ALA B 185 -1.19 28.96 1.61
N LEU B 186 -1.57 28.06 2.53
CA LEU B 186 -2.86 28.05 3.21
C LEU B 186 -3.05 29.30 4.05
N LYS B 187 -1.97 29.83 4.65
CA LYS B 187 -2.07 31.04 5.44
C LYS B 187 -2.39 32.25 4.55
N THR B 188 -2.06 32.18 3.25
CA THR B 188 -2.34 33.23 2.25
C THR B 188 -3.72 33.01 1.61
N THR B 189 -4.10 31.78 1.22
CA THR B 189 -5.29 31.59 0.38
C THR B 189 -6.53 31.53 1.23
N VAL B 190 -6.43 31.09 2.49
CA VAL B 190 -7.58 30.86 3.38
C VAL B 190 -7.86 32.12 4.19
N LYS B 191 -8.99 32.78 3.88
CA LYS B 191 -9.40 34.08 4.41
C LYS B 191 -10.67 33.91 5.23
N GLU B 192 -10.69 34.35 6.52
CA GLU B 192 -11.85 34.21 7.40
C GLU B 192 -13.08 34.93 6.82
N THR B 193 -12.85 36.04 6.10
CA THR B 193 -13.88 36.76 5.36
C THR B 193 -13.98 36.20 3.95
N TYR B 194 -14.64 35.03 3.82
CA TYR B 194 -14.80 34.33 2.55
C TYR B 194 -16.21 33.75 2.48
N SER B 195 -16.84 33.98 1.32
CA SER B 195 -18.21 33.55 1.07
C SER B 195 -18.25 32.61 -0.14
N HIS B 196 -19.16 31.63 -0.06
CA HIS B 196 -19.48 30.73 -1.16
C HIS B 196 -20.95 30.33 -1.05
N PRO B 197 -21.71 30.30 -2.16
CA PRO B 197 -23.11 29.85 -2.13
C PRO B 197 -23.26 28.63 -1.21
N VAL B 198 -22.49 27.56 -1.48
CA VAL B 198 -22.54 26.30 -0.73
C VAL B 198 -22.35 26.54 0.77
N LEU B 199 -21.54 27.55 1.13
CA LEU B 199 -21.28 27.85 2.54
C LEU B 199 -22.47 28.59 3.18
N GLU B 200 -23.16 29.47 2.42
CA GLU B 200 -24.35 30.19 2.92
C GLU B 200 -25.44 29.19 3.34
N LYS B 201 -25.72 28.19 2.46
CA LYS B 201 -26.71 27.15 2.69
C LYS B 201 -26.38 26.31 3.93
N LEU B 202 -25.07 26.11 4.22
CA LEU B 202 -24.63 25.46 5.46
C LEU B 202 -24.76 26.49 6.58
N GLY B 203 -25.17 26.05 7.77
CA GLY B 203 -25.26 26.95 8.90
C GLY B 203 -24.07 26.79 9.83
N ASN B 204 -24.37 26.63 11.13
CA ASN B 204 -23.51 25.98 12.12
C ASN B 204 -23.62 24.46 11.96
N ASN B 205 -24.22 24.00 10.85
CA ASN B 205 -24.23 22.62 10.38
C ASN B 205 -22.80 22.13 10.10
N ARG B 206 -22.53 20.84 10.36
CA ARG B 206 -21.23 20.22 10.11
C ARG B 206 -21.13 19.78 8.64
N LEU B 207 -20.03 20.17 7.97
CA LEU B 207 -19.83 19.96 6.53
C LEU B 207 -18.95 18.73 6.31
N VAL B 208 -19.44 17.79 5.50
CA VAL B 208 -18.66 16.68 4.97
C VAL B 208 -18.36 17.03 3.53
N LEU B 209 -17.06 17.28 3.23
CA LEU B 209 -16.63 17.54 1.88
C LEU B 209 -16.13 16.21 1.32
N MET B 210 -16.72 15.80 0.18
CA MET B 210 -16.39 14.54 -0.50
C MET B 210 -15.84 14.85 -1.89
N THR B 211 -14.70 14.21 -2.25
CA THR B 211 -14.11 14.29 -3.58
C THR B 211 -13.65 12.88 -3.96
N ALA B 212 -13.99 12.45 -5.18
CA ALA B 212 -13.45 11.25 -5.78
C ALA B 212 -13.32 11.49 -7.27
N HIS B 213 -12.11 11.34 -7.83
CA HIS B 213 -11.83 11.59 -9.23
C HIS B 213 -10.99 10.47 -9.82
N ARG B 214 -10.63 9.44 -9.01
CA ARG B 214 -9.77 8.35 -9.45
C ARG B 214 -10.52 7.47 -10.46
N ARG B 215 -9.84 7.14 -11.58
CA ARG B 215 -10.35 6.23 -12.63
C ARG B 215 -10.93 4.97 -11.99
N GLU B 216 -10.28 4.41 -10.93
CA GLU B 216 -10.64 3.11 -10.32
C GLU B 216 -11.83 3.19 -9.37
N ASN B 217 -12.40 4.40 -9.17
CA ASN B 217 -13.53 4.62 -8.27
C ASN B 217 -14.82 4.87 -9.08
N LEU B 218 -14.74 4.64 -10.39
CA LEU B 218 -15.89 4.69 -11.30
C LEU B 218 -16.74 3.45 -11.06
N GLY B 219 -18.08 3.60 -11.17
CA GLY B 219 -19.01 2.50 -11.01
C GLY B 219 -19.36 2.23 -9.55
N GLU B 220 -19.08 0.99 -9.13
CA GLU B 220 -19.64 0.46 -7.89
C GLU B 220 -19.15 1.33 -6.74
N PRO B 221 -17.84 1.66 -6.70
CA PRO B 221 -17.33 2.47 -5.60
C PRO B 221 -18.11 3.77 -5.46
N MET B 222 -18.39 4.49 -6.56
CA MET B 222 -19.26 5.68 -6.48
C MET B 222 -20.62 5.39 -5.81
N ARG B 223 -21.29 4.29 -6.24
CA ARG B 223 -22.59 3.89 -5.70
C ARG B 223 -22.48 3.59 -4.20
N ASN B 224 -21.42 2.90 -3.76
CA ASN B 224 -21.21 2.62 -2.35
C ASN B 224 -21.07 3.91 -1.56
N MET B 225 -20.24 4.84 -2.04
CA MET B 225 -20.07 6.16 -1.43
C MET B 225 -21.44 6.80 -1.24
N PHE B 226 -22.22 6.93 -2.33
CA PHE B 226 -23.50 7.64 -2.28
C PHE B 226 -24.48 6.97 -1.30
N ARG B 227 -24.53 5.62 -1.30
CA ARG B 227 -25.34 4.86 -0.33
C ARG B 227 -24.94 5.16 1.11
N ALA B 228 -23.62 5.24 1.42
CA ALA B 228 -23.07 5.55 2.75
C ALA B 228 -23.40 6.98 3.15
N ILE B 229 -23.34 7.94 2.22
CA ILE B 229 -23.69 9.35 2.43
C ILE B 229 -25.17 9.45 2.81
N LYS B 230 -26.02 8.66 2.13
CA LYS B 230 -27.45 8.65 2.38
C LYS B 230 -27.65 8.30 3.85
N ARG B 231 -27.05 7.20 4.26
CA ARG B 231 -27.19 6.70 5.65
C ARG B 231 -26.67 7.73 6.66
N LEU B 232 -25.57 8.43 6.33
CA LEU B 232 -24.93 9.43 7.21
C LEU B 232 -25.81 10.66 7.42
N VAL B 233 -26.41 11.23 6.36
CA VAL B 233 -27.27 12.41 6.51
C VAL B 233 -28.63 12.06 7.14
N ASP B 234 -29.06 10.79 7.04
CA ASP B 234 -30.26 10.30 7.71
C ASP B 234 -30.01 10.15 9.22
N LYS B 235 -28.81 9.68 9.63
CA LYS B 235 -28.51 9.48 11.03
C LYS B 235 -28.07 10.76 11.72
N HIS B 236 -27.32 11.64 11.01
CA HIS B 236 -26.85 12.91 11.54
C HIS B 236 -27.58 14.06 10.84
N GLU B 237 -28.59 14.63 11.55
CA GLU B 237 -29.53 15.61 11.02
C GLU B 237 -28.92 17.00 10.87
N ASP B 238 -27.77 17.26 11.53
CA ASP B 238 -27.10 18.58 11.49
C ASP B 238 -25.97 18.63 10.44
N VAL B 239 -25.85 17.57 9.60
CA VAL B 239 -24.76 17.41 8.63
C VAL B 239 -25.24 17.71 7.21
N GLN B 240 -24.49 18.55 6.46
CA GLN B 240 -24.63 18.71 5.01
C GLN B 240 -23.42 18.06 4.36
N VAL B 241 -23.58 17.52 3.12
CA VAL B 241 -22.49 16.95 2.35
C VAL B 241 -22.32 17.77 1.06
N VAL B 242 -21.05 18.09 0.71
CA VAL B 242 -20.74 18.79 -0.54
C VAL B 242 -19.80 17.90 -1.36
N TYR B 243 -20.24 17.67 -2.61
CA TYR B 243 -19.58 16.79 -3.57
C TYR B 243 -19.34 17.63 -4.82
N PRO B 244 -18.17 18.33 -4.93
CA PRO B 244 -17.84 19.09 -6.13
C PRO B 244 -17.26 18.15 -7.16
N VAL B 245 -18.13 17.48 -7.96
CA VAL B 245 -17.68 16.77 -9.14
C VAL B 245 -18.68 17.02 -10.27
N HIS B 246 -18.16 16.93 -11.52
CA HIS B 246 -18.94 16.88 -12.73
C HIS B 246 -19.43 15.45 -12.97
N MET B 247 -20.72 15.34 -13.29
CA MET B 247 -21.37 14.07 -13.52
C MET B 247 -22.00 14.01 -14.92
N ASN B 248 -21.69 12.97 -15.71
CA ASN B 248 -22.51 12.44 -16.79
C ASN B 248 -23.97 12.46 -16.35
N PRO B 249 -24.93 12.68 -17.28
CA PRO B 249 -26.35 12.67 -16.89
C PRO B 249 -26.82 11.38 -16.20
N VAL B 250 -26.33 10.22 -16.61
CA VAL B 250 -26.82 8.94 -16.09
C VAL B 250 -26.24 8.71 -14.69
N VAL B 251 -25.02 9.18 -14.48
CA VAL B 251 -24.40 9.11 -13.17
C VAL B 251 -25.11 10.08 -12.20
N ARG B 252 -25.60 11.23 -12.71
CA ARG B 252 -26.42 12.17 -11.92
C ARG B 252 -27.66 11.42 -11.45
N GLU B 253 -28.34 10.73 -12.38
CA GLU B 253 -29.58 10.03 -12.07
C GLU B 253 -29.30 8.98 -10.96
N THR B 254 -28.15 8.26 -11.02
CA THR B 254 -27.79 7.30 -9.96
C THR B 254 -27.70 8.02 -8.61
N ALA B 255 -27.09 9.21 -8.60
CA ALA B 255 -26.96 9.99 -7.39
C ALA B 255 -28.34 10.31 -6.86
N ASN B 256 -29.21 10.85 -7.74
CA ASN B 256 -30.53 11.34 -7.35
C ASN B 256 -31.37 10.19 -6.84
N ASP B 257 -31.37 9.05 -7.56
CA ASP B 257 -32.04 7.83 -7.16
C ASP B 257 -31.64 7.44 -5.73
N ILE B 258 -30.35 7.45 -5.37
CA ILE B 258 -29.87 7.00 -4.06
C ILE B 258 -30.10 8.07 -2.97
N LEU B 259 -29.86 9.35 -3.30
CA LEU B 259 -29.81 10.41 -2.31
C LEU B 259 -31.17 11.04 -2.08
N GLY B 260 -31.99 11.10 -3.12
CA GLY B 260 -33.17 11.93 -3.13
C GLY B 260 -32.83 13.40 -3.36
N ASP B 261 -33.85 14.28 -3.28
CA ASP B 261 -33.68 15.73 -3.24
C ASP B 261 -34.22 16.29 -1.91
N TYR B 262 -33.48 16.05 -0.81
CA TYR B 262 -33.85 16.55 0.53
C TYR B 262 -32.87 17.66 0.98
N GLY B 263 -32.08 18.21 0.05
CA GLY B 263 -31.53 19.56 0.19
C GLY B 263 -30.41 19.75 1.21
N ARG B 264 -29.92 18.65 1.81
CA ARG B 264 -28.74 18.68 2.68
C ARG B 264 -27.54 17.94 2.02
N ILE B 265 -27.65 17.56 0.73
CA ILE B 265 -26.54 17.02 -0.06
C ILE B 265 -26.44 17.82 -1.36
N HIS B 266 -25.32 18.55 -1.53
CA HIS B 266 -25.11 19.50 -2.60
C HIS B 266 -24.10 18.92 -3.59
N LEU B 267 -24.60 18.39 -4.70
CA LEU B 267 -23.84 18.09 -5.90
C LEU B 267 -23.58 19.40 -6.63
N ILE B 268 -22.31 19.83 -6.75
CA ILE B 268 -21.96 21.11 -7.39
C ILE B 268 -20.81 20.89 -8.36
N GLU B 269 -20.51 21.90 -9.19
CA GLU B 269 -19.39 21.83 -10.14
C GLU B 269 -18.06 21.92 -9.38
N PRO B 270 -16.99 21.32 -9.91
CA PRO B 270 -15.65 21.43 -9.30
C PRO B 270 -15.27 22.84 -8.88
N LEU B 271 -14.62 22.95 -7.71
CA LEU B 271 -14.13 24.19 -7.11
C LEU B 271 -12.73 24.50 -7.61
N ASP B 272 -12.43 25.78 -7.93
CA ASP B 272 -11.07 26.26 -8.20
C ASP B 272 -10.26 26.13 -6.90
N VAL B 273 -8.92 26.17 -6.97
CA VAL B 273 -8.03 25.88 -5.83
C VAL B 273 -8.32 26.80 -4.63
N ILE B 274 -8.65 28.06 -4.89
CA ILE B 274 -8.87 29.03 -3.81
C ILE B 274 -10.18 28.73 -3.06
N ASP B 275 -11.27 28.50 -3.82
CA ASP B 275 -12.56 28.17 -3.24
C ASP B 275 -12.44 26.86 -2.47
N PHE B 276 -11.70 25.89 -3.03
CA PHE B 276 -11.57 24.58 -2.42
C PHE B 276 -10.87 24.73 -1.07
N HIS B 277 -9.84 25.60 -1.02
CA HIS B 277 -9.02 25.79 0.18
C HIS B 277 -9.92 26.24 1.31
N ASN B 278 -10.77 27.22 0.98
CA ASN B 278 -11.60 27.93 1.94
C ASN B 278 -12.78 27.10 2.38
N VAL B 279 -13.32 26.29 1.41
CA VAL B 279 -14.41 25.35 1.72
C VAL B 279 -13.90 24.19 2.58
N ALA B 280 -12.79 23.57 2.17
CA ALA B 280 -12.14 22.52 2.96
C ALA B 280 -11.83 23.03 4.36
N ALA B 281 -11.43 24.30 4.48
CA ALA B 281 -11.02 24.89 5.76
C ALA B 281 -12.20 25.05 6.69
N ARG B 282 -13.43 25.07 6.15
CA ARG B 282 -14.65 25.15 6.96
C ARG B 282 -15.36 23.80 7.02
N SER B 283 -14.65 22.70 6.68
CA SER B 283 -15.21 21.36 6.70
C SER B 283 -14.96 20.69 8.07
N TYR B 284 -15.88 19.79 8.49
CA TYR B 284 -15.77 19.00 9.72
C TYR B 284 -15.11 17.64 9.41
N LEU B 285 -15.25 17.19 8.16
CA LEU B 285 -14.75 15.89 7.76
C LEU B 285 -14.52 15.94 6.25
N MET B 286 -13.51 15.19 5.77
CA MET B 286 -13.26 15.06 4.34
C MET B 286 -13.11 13.60 3.97
N LEU B 287 -13.73 13.26 2.84
CA LEU B 287 -13.59 11.95 2.20
C LEU B 287 -12.97 12.23 0.85
N THR B 288 -11.86 11.56 0.52
CA THR B 288 -11.12 11.86 -0.69
C THR B 288 -10.41 10.62 -1.24
N ASP B 289 -10.11 10.61 -2.53
CA ASP B 289 -9.18 9.66 -3.13
C ASP B 289 -7.98 10.42 -3.76
N SER B 290 -7.82 11.71 -3.39
CA SER B 290 -6.75 12.59 -3.90
C SER B 290 -5.52 12.55 -3.00
N GLY B 291 -4.34 12.26 -3.60
CA GLY B 291 -3.04 12.28 -2.94
C GLY B 291 -2.74 13.63 -2.27
N GLY B 292 -2.95 14.72 -3.02
CA GLY B 292 -2.68 16.05 -2.51
C GLY B 292 -3.59 16.46 -1.34
N VAL B 293 -4.87 16.09 -1.34
CA VAL B 293 -5.76 16.45 -0.25
C VAL B 293 -5.31 15.75 1.03
N GLN B 294 -4.78 14.52 0.89
CA GLN B 294 -4.20 13.77 1.97
C GLN B 294 -3.00 14.50 2.59
N GLU B 295 -2.22 15.19 1.75
CA GLU B 295 -1.02 15.91 2.19
C GLU B 295 -1.33 17.27 2.78
N GLU B 296 -2.45 17.90 2.36
CA GLU B 296 -2.69 19.32 2.60
C GLU B 296 -3.84 19.55 3.58
N ALA B 297 -4.96 18.81 3.43
CA ALA B 297 -6.19 19.20 4.12
C ALA B 297 -6.03 19.10 5.63
N PRO B 298 -5.24 18.12 6.14
CA PRO B 298 -5.01 18.01 7.58
C PRO B 298 -4.41 19.25 8.24
N SER B 299 -3.57 20.01 7.54
CA SER B 299 -2.98 21.24 8.08
C SER B 299 -4.07 22.26 8.37
N LEU B 300 -5.30 22.06 7.85
CA LEU B 300 -6.48 22.88 8.14
C LEU B 300 -7.26 22.29 9.33
N GLY B 301 -6.75 21.25 9.98
CA GLY B 301 -7.42 20.66 11.13
C GLY B 301 -8.71 19.93 10.74
N VAL B 302 -8.68 19.21 9.59
CA VAL B 302 -9.80 18.45 9.06
C VAL B 302 -9.38 16.98 8.98
N PRO B 303 -10.08 16.03 9.66
CA PRO B 303 -9.81 14.61 9.46
C PRO B 303 -10.14 14.23 8.02
N VAL B 304 -9.33 13.30 7.49
CA VAL B 304 -9.34 12.89 6.11
C VAL B 304 -9.52 11.38 6.10
N LEU B 305 -10.59 10.93 5.38
CA LEU B 305 -10.93 9.54 5.21
C LEU B 305 -10.73 9.29 3.73
N VAL B 306 -9.98 8.21 3.42
CA VAL B 306 -9.37 7.96 2.14
C VAL B 306 -10.16 6.85 1.47
N LEU B 307 -10.80 7.16 0.32
CA LEU B 307 -11.67 6.22 -0.36
C LEU B 307 -10.82 5.26 -1.20
N ARG B 308 -10.00 4.45 -0.49
CA ARG B 308 -9.13 3.42 -1.09
C ARG B 308 -8.83 2.35 -0.02
N ASP B 309 -8.47 1.13 -0.46
CA ASP B 309 -8.17 -0.02 0.39
C ASP B 309 -6.76 0.09 0.99
N THR B 310 -5.82 0.71 0.23
CA THR B 310 -4.42 0.92 0.58
C THR B 310 -4.07 2.40 0.34
N THR B 311 -3.03 2.92 1.04
CA THR B 311 -2.64 4.33 0.93
C THR B 311 -1.25 4.45 0.33
N GLU B 312 -1.03 5.51 -0.45
CA GLU B 312 0.29 5.86 -0.94
C GLU B 312 0.85 6.97 -0.05
N ARG B 313 0.11 7.33 1.01
CA ARG B 313 0.55 8.31 2.02
C ARG B 313 0.69 7.68 3.40
N PRO B 314 1.68 6.75 3.57
CA PRO B 314 1.84 6.01 4.84
C PRO B 314 2.13 6.89 6.06
N GLU B 315 2.82 8.02 5.88
CA GLU B 315 3.18 8.90 6.99
C GLU B 315 1.94 9.57 7.59
N GLY B 316 0.92 9.85 6.76
CA GLY B 316 -0.34 10.39 7.26
C GLY B 316 -1.11 9.40 8.11
N ILE B 317 -1.07 8.12 7.70
CA ILE B 317 -1.72 7.05 8.47
C ILE B 317 -1.06 6.97 9.86
N GLU B 318 0.28 6.81 9.86
CA GLU B 318 1.11 6.72 11.06
C GLU B 318 0.83 7.87 12.02
N ALA B 319 0.75 9.10 11.49
CA ALA B 319 0.51 10.29 12.32
C ALA B 319 -0.92 10.38 12.80
N GLY B 320 -1.85 9.64 12.15
CA GLY B 320 -3.27 9.74 12.50
C GLY B 320 -4.00 10.97 11.93
N THR B 321 -3.46 11.53 10.81
CA THR B 321 -4.16 12.57 10.04
C THR B 321 -5.14 11.97 9.02
N LEU B 322 -4.83 10.72 8.60
CA LEU B 322 -5.57 9.94 7.61
C LEU B 322 -6.03 8.61 8.22
N LYS B 323 -7.11 8.05 7.63
CA LYS B 323 -7.59 6.69 7.90
C LYS B 323 -8.19 6.15 6.58
N LEU B 324 -7.85 4.89 6.21
CA LEU B 324 -8.45 4.22 5.05
C LEU B 324 -9.91 3.92 5.35
N ALA B 325 -10.81 4.23 4.37
CA ALA B 325 -12.23 3.92 4.43
C ALA B 325 -12.59 2.78 3.46
N GLY B 326 -11.66 2.31 2.63
CA GLY B 326 -11.98 1.43 1.51
C GLY B 326 -13.01 2.06 0.58
N THR B 327 -13.58 1.23 -0.32
CA THR B 327 -14.59 1.61 -1.28
C THR B 327 -15.91 0.87 -1.01
N ASP B 328 -15.97 0.02 0.04
CA ASP B 328 -17.18 -0.73 0.41
C ASP B 328 -18.13 0.20 1.19
N GLU B 329 -19.42 0.06 0.93
CA GLU B 329 -20.42 0.91 1.56
C GLU B 329 -20.23 0.88 3.08
N GLU B 330 -19.97 -0.33 3.64
CA GLU B 330 -20.08 -0.58 5.08
C GLU B 330 -18.91 0.10 5.80
N THR B 331 -17.70 -0.09 5.23
CA THR B 331 -16.46 0.49 5.75
C THR B 331 -16.54 2.03 5.70
N ILE B 332 -16.95 2.62 4.56
CA ILE B 332 -17.08 4.08 4.44
C ILE B 332 -18.08 4.61 5.48
N PHE B 333 -19.28 3.97 5.56
CA PHE B 333 -20.33 4.34 6.52
C PHE B 333 -19.79 4.21 7.94
N SER B 334 -19.12 3.09 8.25
CA SER B 334 -18.64 2.75 9.58
C SER B 334 -17.74 3.84 10.15
N LEU B 335 -16.68 4.20 9.39
CA LEU B 335 -15.65 5.14 9.82
C LEU B 335 -16.16 6.58 9.79
N ALA B 336 -16.92 6.99 8.76
CA ALA B 336 -17.47 8.34 8.75
C ALA B 336 -18.44 8.56 9.92
N ASP B 337 -19.22 7.52 10.25
CA ASP B 337 -20.21 7.57 11.31
C ASP B 337 -19.52 7.74 12.66
N GLU B 338 -18.45 6.96 12.93
CA GLU B 338 -17.61 7.07 14.12
C GLU B 338 -17.18 8.53 14.36
N LEU B 339 -16.68 9.19 13.31
CA LEU B 339 -16.11 10.53 13.43
C LEU B 339 -17.19 11.60 13.55
N LEU B 340 -18.39 11.36 12.97
CA LEU B 340 -19.51 12.29 13.12
C LEU B 340 -20.31 12.05 14.42
N SER B 341 -20.13 10.89 15.08
CA SER B 341 -20.82 10.50 16.31
C SER B 341 -20.06 10.95 17.56
N ASP B 342 -18.72 10.76 17.54
CA ASP B 342 -17.84 10.97 18.68
C ASP B 342 -16.91 12.18 18.43
N LYS B 343 -17.18 13.31 19.11
CA LYS B 343 -16.41 14.54 18.99
C LYS B 343 -14.94 14.32 19.41
N GLU B 344 -14.70 13.35 20.30
CA GLU B 344 -13.37 12.97 20.76
C GLU B 344 -12.52 12.46 19.61
N ALA B 345 -13.00 11.39 18.93
CA ALA B 345 -12.29 10.77 17.83
C ALA B 345 -12.07 11.77 16.68
N HIS B 346 -13.05 12.67 16.44
CA HIS B 346 -12.97 13.73 15.44
C HIS B 346 -11.90 14.74 15.83
N ASP B 347 -12.04 15.33 17.03
CA ASP B 347 -11.14 16.34 17.57
C ASP B 347 -9.71 15.79 17.57
N LYS B 348 -9.53 14.49 17.88
CA LYS B 348 -8.21 13.86 17.94
C LYS B 348 -7.52 13.97 16.58
N MET B 349 -8.16 13.40 15.53
CA MET B 349 -7.67 13.47 14.15
C MET B 349 -7.56 14.92 13.71
N SER B 350 -8.52 15.78 14.09
CA SER B 350 -8.48 17.22 13.82
C SER B 350 -7.21 17.91 14.33
N LYS B 351 -6.61 17.41 15.42
CA LYS B 351 -5.50 18.09 16.09
C LYS B 351 -4.17 17.38 15.80
N ALA B 352 -4.17 16.22 15.14
CA ALA B 352 -2.92 15.50 14.90
C ALA B 352 -2.09 16.35 13.95
N SER B 353 -0.73 16.35 14.11
CA SER B 353 0.16 17.16 13.30
C SER B 353 0.27 16.55 11.91
N ASN B 354 0.16 17.40 10.89
CA ASN B 354 0.46 16.99 9.52
C ASN B 354 1.94 16.67 9.38
N PRO B 355 2.31 15.41 9.06
CA PRO B 355 3.71 15.06 8.83
C PRO B 355 4.27 15.54 7.50
N TYR B 356 3.40 16.02 6.58
CA TYR B 356 3.83 16.47 5.24
C TYR B 356 4.28 17.93 5.30
N GLY B 357 3.99 18.66 6.40
CA GLY B 357 4.63 19.94 6.68
C GLY B 357 3.90 20.71 7.78
N ASP B 358 4.56 21.72 8.39
CA ASP B 358 4.00 22.66 9.36
C ASP B 358 3.88 24.08 8.82
N GLY B 359 3.94 24.27 7.49
CA GLY B 359 3.65 25.57 6.87
C GLY B 359 4.86 26.50 6.89
N ARG B 360 6.07 25.96 7.15
CA ARG B 360 7.33 26.68 7.18
C ARG B 360 8.36 26.12 6.16
N ALA B 361 7.91 25.39 5.13
CA ALA B 361 8.80 24.78 4.16
C ALA B 361 9.57 25.88 3.43
N SER B 362 8.87 26.98 3.04
CA SER B 362 9.47 28.08 2.30
C SER B 362 10.58 28.75 3.11
N GLU B 363 10.37 28.95 4.42
CA GLU B 363 11.33 29.51 5.35
C GLU B 363 12.57 28.63 5.40
N ARG B 364 12.42 27.29 5.52
CA ARG B 364 13.55 26.38 5.53
C ARG B 364 14.32 26.43 4.21
N ILE B 365 13.62 26.63 3.08
CA ILE B 365 14.29 26.66 1.77
C ILE B 365 15.15 27.93 1.65
N VAL B 366 14.56 29.07 1.99
CA VAL B 366 15.26 30.35 1.92
C VAL B 366 16.48 30.32 2.84
N GLU B 367 16.30 29.85 4.08
CA GLU B 367 17.37 29.67 5.06
C GLU B 367 18.50 28.85 4.46
N ALA B 368 18.16 27.70 3.84
CA ALA B 368 19.18 26.80 3.34
C ALA B 368 19.96 27.47 2.21
N ILE B 369 19.29 28.34 1.45
CA ILE B 369 19.88 28.98 0.28
C ILE B 369 20.87 30.06 0.75
N LEU B 370 20.44 30.87 1.75
CA LEU B 370 21.24 31.94 2.31
C LEU B 370 22.49 31.35 2.93
N LYS B 371 22.38 30.23 3.65
CA LYS B 371 23.53 29.65 4.32
C LYS B 371 24.54 29.16 3.26
N HIS B 372 24.04 28.43 2.26
CA HIS B 372 24.87 27.82 1.23
C HIS B 372 25.69 28.89 0.47
N PHE B 373 25.08 30.07 0.22
CA PHE B 373 25.75 31.15 -0.50
C PHE B 373 26.39 32.15 0.46
N ASN B 374 26.52 31.80 1.75
CA ASN B 374 27.33 32.55 2.72
C ASN B 374 26.79 33.98 2.84
N LYS B 375 25.45 34.14 2.83
CA LYS B 375 24.77 35.43 2.85
C LYS B 375 24.09 35.59 4.20
N1 M3U C . 1.00 -16.31 5.37
N3 M3U C . 4.75 -13.12 10.86
C4 M3U C . 2.25 -18.89 7.29
C5 M3U C . 2.87 -19.17 8.65
C6 M3U C . 1.45 -20.47 10.06
C7 M3U C . 3.77 -17.95 8.85
C8 M3U C . 3.03 -15.54 8.52
C10 M3U C . 3.89 -13.77 10.06
C13 M3U C . 6.35 -14.88 10.27
C1 M3U C . 0.45 -16.84 4.13
C2 M3U C . 2.14 -16.77 5.90
O1 M3U C . 3.21 -16.76 5.30
C3 M3U C . 1.98 -17.37 7.30
O2 M3U C . 1.84 -19.17 9.66
F1 M3U C . 0.39 -20.43 10.87
F2 M3U C . 2.46 -20.99 10.79
N2 M3U C . 2.99 -16.86 8.25
O3 M3U C . 2.15 -14.78 8.10
C9 M3U C . 4.15 -14.97 9.34
C11 M3U C . 5.98 -13.68 10.95
C12 M3U C . 7.08 -13.28 11.64
N4 M3U C . 8.04 -14.20 11.45
N5 M3U C . 7.63 -15.17 10.58
C14 M3U C . 5.41 -15.55 9.45
H4 M3U C . 0.56 -15.66 5.79
H6 M3U C . 1.40 -19.40 7.16
H7 M3U C . 2.89 -19.13 6.56
H8 M3U C . 3.37 -20.01 8.67
H9 M3U C . 1.27 -21.01 9.28
H10 M3U C . 4.64 -18.08 8.38
H11 M3U C . 3.96 -17.79 9.81
H12 M3U C . 3.02 -13.40 9.97
H1 M3U C . 0.70 -17.77 4.02
H2 M3U C . 0.79 -16.33 3.38
H3 M3U C . -0.52 -16.78 4.14
H5 M3U C . 1.07 -17.20 7.64
H13 M3U C . 7.13 -12.54 12.20
H14 M3U C . 8.84 -14.15 11.77
H15 M3U C . 5.62 -16.34 8.98
S SO4 D . -7.62 -30.13 13.74
O1 SO4 D . -8.67 -31.08 14.11
O2 SO4 D . -6.66 -30.77 12.87
O3 SO4 D . -8.22 -29.00 13.04
O4 SO4 D . -6.94 -29.66 14.93
S SO4 E . -1.33 -12.89 4.19
O1 SO4 E . -2.37 -12.87 3.19
O2 SO4 E . -1.15 -14.24 4.70
O3 SO4 E . -1.71 -11.98 5.25
O4 SO4 E . -0.07 -12.45 3.64
S SO4 F . 11.47 -14.94 -5.38
O1 SO4 F . 11.89 -15.94 -4.40
O2 SO4 F . 11.70 -15.43 -6.74
O3 SO4 F . 10.07 -14.67 -5.20
O4 SO4 F . 12.21 -13.70 -5.20
S SO4 G . 4.79 -6.77 6.10
O1 SO4 G . 4.61 -7.58 7.28
O2 SO4 G . 3.68 -6.98 5.18
O3 SO4 G . 4.85 -5.37 6.46
O4 SO4 G . 6.03 -7.20 5.48
S SO4 H . 15.83 -17.21 1.23
O1 SO4 H . 16.41 -18.00 2.28
O2 SO4 H . 14.95 -18.05 0.42
O3 SO4 H . 15.06 -16.15 1.83
O4 SO4 H . 16.88 -16.67 0.41
S SO4 I . -2.89 6.84 20.42
O1 SO4 I . -1.67 6.37 21.04
O2 SO4 I . -3.50 5.73 19.74
O3 SO4 I . -3.82 7.40 21.41
O4 SO4 I . -2.52 7.87 19.47
N1 M3U J . -3.78 17.45 -5.55
N3 M3U J . -11.40 17.60 -5.49
C4 M3U J . -4.91 20.00 -3.73
C5 M3U J . -6.13 20.60 -3.06
C6 M3U J . -5.90 20.47 -0.71
C7 M3U J . -7.23 20.38 -4.09
C8 M3U J . -7.72 18.14 -5.17
C10 M3U J . -10.10 17.46 -5.28
C13 M3U J . -10.93 19.92 -6.08
C1 M3U J . -3.86 16.17 -6.23
C2 M3U J . -4.71 18.39 -5.67
O1 M3U J . -5.04 18.83 -6.77
C3 M3U J . -5.47 18.72 -4.38
O2 M3U J . -6.37 19.83 -1.89
F1 M3U J . -6.13 19.70 0.35
F2 M3U J . -6.56 21.64 -0.53
N2 M3U J . -6.89 19.04 -4.61
O3 M3U J . -7.31 17.02 -5.49
C9 M3U J . -9.15 18.49 -5.43
C11 M3U J . -11.80 18.83 -5.88
C12 M3U J . -13.06 19.27 -6.17
N4 M3U J . -12.96 20.55 -6.53
N5 M3U J . -11.65 20.99 -6.48
C14 M3U J . -9.57 19.74 -5.86
H4 M3U J . -3.06 17.62 -5.05
H6 M3U J . -4.20 19.77 -3.06
H7 M3U J . -4.54 20.61 -4.41
H8 M3U J . -6.00 21.56 -2.85
H9 M3U J . -4.95 20.63 -0.81
H10 M3U J . -7.20 21.06 -4.81
H11 M3U J . -8.13 20.38 -3.67
H12 M3U J . -9.80 16.62 -5.01
H1 M3U J . -4.20 16.30 -7.13
H2 M3U J . -4.47 15.59 -5.75
H3 M3U J . -2.99 15.76 -6.27
H5 M3U J . -5.39 17.97 -3.76
H13 M3U J . -13.85 18.79 -6.14
H14 M3U J . -13.62 21.09 -6.76
H15 M3U J . -8.96 20.46 -5.98
S SO4 K . 0.05 23.43 -17.91
O1 SO4 K . 0.02 22.37 -16.91
O2 SO4 K . -0.85 23.11 -18.97
O3 SO4 K . -0.41 24.65 -17.28
O4 SO4 K . 1.41 23.63 -18.50
S SO4 L . -4.06 12.15 -7.23
O1 SO4 L . -3.83 11.30 -6.09
O2 SO4 L . -5.45 12.08 -7.64
O3 SO4 L . -3.19 11.67 -8.27
O4 SO4 L . -3.76 13.53 -6.93
#